data_6GVF
#
_entry.id   6GVF
#
_cell.length_a   59.420
_cell.length_b   136.000
_cell.length_c   143.120
_cell.angle_alpha   90.00
_cell.angle_beta   90.00
_cell.angle_gamma   90.00
#
_symmetry.space_group_name_H-M   'P 21 21 21'
#
loop_
_entity.id
_entity.type
_entity.pdbx_description
1 polymer 'Phosphatidylinositol 4,5-bisphosphate 3-kinase catalytic subunit alpha isoform'
2 non-polymer 5-(4-azanyl-1-propan-2-yl-pyrazolo[3,4-d]pyrimidin-3-yl)-1,3-benzoxazol-2-amine
3 water water
#
_entity_poly.entity_id   1
_entity_poly.type   'polypeptide(L)'
_entity_poly.pdbx_seq_one_letter_code
;NREEKILNREIGFAIGMPVCEFDMVKDPEVQDFRRNILNVCKEAVDLRDLNSPHSRAMYVYPPNVESSPELPKHIYNKLD
KGQIIVVIWVIVSPNNDKQKYTLKINHDCVPEQVIAEAIRKKTRSMLLSSEQLKLCVLEYQGKYILKVCGCDEYFLEKYP
LSQYKYIRSCIMLGRMPNLMLMAKESLYSQLPMDCFTMPSYSRRISTATPYMNGETSTKSLWVINSALRIKILCATYVNV
NIRDIDKIYVRTGIYHGGEPLCDNVNTQRVPCSNPRWNEWLNYDIYIPDLPRAARLCLSICSVKGRKGAKEEHCPLAWGN
INLFDYTDTLVSGKMALNLWPVPHGLEDLLNPIGVTGSNPNKETPCLELEFDWFSSVVKFPDMSVIEEHANWSVSREAGF
SYSHAGLSNRLARDNELRENDKEQLKAISTRDPLSEITEQEKDFLWSHRHYCVTIPEILPKLLLSVKWNSRDEVAQMYCL
VKDWPPIKPEQAMELLDCNYPDPMVRGFAVRCLEKYLTDDKLSQYLIQLVQVLKYEQYLDNLLVRFLLKKALTNQRIGHF
FFWHLKSEMHNKTVSQRFGLLLESYCRACGMYLKHLNRQVEAMEKLINLTDILKQEKKDETQKVQMKFLVEQMRRPDFMD
ALQGFLSPLNPAHQLGNLRLEECRIMSSAKRPLWLNWENPDIMSELLFQNNEIIFKNGDDLRQDMLTLQIIRIMENIWQN
QGLDLRMLPYGCLSIGDCVGLIEVVRNSHTIMQIQCKGGLKGALQFNSHTLHQWLKDKNKGEIYDAAIDLFTRSCAGYCV
ATFILGIGDRHNSNIMVKDDGQLFHIDFGHFLDHKKKKFGYKRERVPFVLTQDFLIVISKGAQECTKTREFERFQEMCYK
AYLAIRQHANLFINLFSMMLGSGMPELQSFDDIAYIRKTLALDKTEQEALEYFMKQMNDAHHGGW
;
_entity_poly.pdbx_strand_id   A
#
loop_
_chem_comp.id
_chem_comp.type
_chem_comp.name
_chem_comp.formula
FE5 non-polymer 5-(4-azanyl-1-propan-2-yl-pyrazolo[3,4-d]pyrimidin-3-yl)-1,3-benzoxazol-2-amine 'C15 H15 N7 O'
#
# COMPACT_ATOMS: atom_id res chain seq x y z
N ASN A 1 11.93 -34.57 -6.52
CA ASN A 1 11.65 -35.58 -7.54
C ASN A 1 10.20 -35.42 -8.03
N ARG A 2 9.32 -36.37 -7.64
CA ARG A 2 7.90 -36.43 -7.96
C ARG A 2 7.18 -35.34 -7.18
N GLU A 3 7.66 -35.03 -5.96
CA GLU A 3 7.05 -34.03 -5.07
C GLU A 3 7.45 -32.60 -5.46
N GLU A 4 8.64 -32.45 -6.12
CA GLU A 4 9.13 -31.17 -6.63
C GLU A 4 8.27 -30.81 -7.82
N LYS A 5 7.92 -31.83 -8.63
CA LYS A 5 7.10 -31.70 -9.83
C LYS A 5 5.72 -31.18 -9.46
N ILE A 6 5.09 -31.79 -8.43
CA ILE A 6 3.75 -31.42 -7.95
C ILE A 6 3.77 -29.96 -7.53
N LEU A 7 4.75 -29.60 -6.69
CA LEU A 7 4.94 -28.27 -6.20
C LEU A 7 5.19 -27.30 -7.35
N ASN A 8 6.01 -27.67 -8.35
CA ASN A 8 6.30 -26.78 -9.48
C ASN A 8 5.02 -26.43 -10.23
N ARG A 9 4.15 -27.45 -10.38
CA ARG A 9 2.84 -27.41 -11.02
C ARG A 9 1.89 -26.47 -10.21
N GLU A 10 1.98 -26.51 -8.84
CA GLU A 10 1.20 -25.76 -7.84
C GLU A 10 1.58 -24.26 -7.76
N ILE A 11 2.89 -23.97 -7.79
CA ILE A 11 3.41 -22.60 -7.86
C ILE A 11 3.01 -22.01 -9.24
N GLY A 12 3.21 -22.77 -10.32
CA GLY A 12 2.88 -22.38 -11.68
C GLY A 12 1.45 -21.92 -11.86
N PHE A 13 0.51 -22.57 -11.19
CA PHE A 13 -0.89 -22.18 -11.24
C PHE A 13 -1.14 -20.94 -10.36
N ALA A 14 -0.46 -20.83 -9.20
CA ALA A 14 -0.64 -19.70 -8.28
C ALA A 14 -0.20 -18.38 -8.87
N ILE A 15 1.00 -18.34 -9.49
CA ILE A 15 1.58 -17.13 -10.04
C ILE A 15 1.11 -16.86 -11.48
N GLY A 16 0.53 -17.86 -12.13
CA GLY A 16 0.02 -17.73 -13.48
C GLY A 16 1.00 -17.97 -14.62
N MET A 17 2.21 -18.45 -14.31
CA MET A 17 3.24 -18.80 -15.29
C MET A 17 4.09 -19.97 -14.81
N PRO A 18 4.41 -20.94 -15.70
CA PRO A 18 5.22 -22.09 -15.26
C PRO A 18 6.64 -21.72 -14.80
N VAL A 19 7.03 -22.27 -13.63
CA VAL A 19 8.34 -22.18 -12.98
C VAL A 19 9.48 -22.43 -14.01
N CYS A 20 9.26 -23.41 -14.95
CA CYS A 20 10.17 -23.77 -16.04
C CYS A 20 10.62 -22.55 -16.87
N GLU A 21 9.77 -21.50 -16.93
CA GLU A 21 10.06 -20.28 -17.67
C GLU A 21 11.09 -19.40 -16.98
N PHE A 22 11.29 -19.63 -15.67
CA PHE A 22 12.30 -18.91 -14.90
C PHE A 22 13.63 -19.56 -15.11
N ASP A 23 13.62 -20.89 -15.31
CA ASP A 23 14.85 -21.68 -15.51
C ASP A 23 15.56 -21.35 -16.83
N MET A 24 14.81 -20.90 -17.85
CA MET A 24 15.37 -20.58 -19.17
C MET A 24 15.93 -19.14 -19.27
N VAL A 25 15.76 -18.30 -18.23
CA VAL A 25 16.26 -16.92 -18.17
C VAL A 25 17.76 -16.96 -17.95
N LYS A 26 18.52 -16.52 -18.96
CA LYS A 26 19.97 -16.54 -18.93
C LYS A 26 20.59 -15.48 -17.97
N ASP A 27 19.82 -14.41 -17.62
CA ASP A 27 20.26 -13.33 -16.71
C ASP A 27 20.81 -13.89 -15.36
N PRO A 28 22.12 -13.69 -15.10
CA PRO A 28 22.71 -14.22 -13.84
C PRO A 28 22.04 -13.62 -12.62
N GLU A 29 21.58 -12.35 -12.72
CA GLU A 29 20.90 -11.65 -11.64
C GLU A 29 19.66 -12.41 -11.24
N VAL A 30 18.93 -12.96 -12.23
CA VAL A 30 17.71 -13.74 -12.06
C VAL A 30 18.03 -15.06 -11.36
N GLN A 31 18.93 -15.87 -11.94
CA GLN A 31 19.29 -17.16 -11.34
C GLN A 31 19.93 -17.02 -9.94
N ASP A 32 20.73 -15.94 -9.68
CA ASP A 32 21.32 -15.65 -8.37
C ASP A 32 20.20 -15.34 -7.42
N PHE A 33 19.27 -14.41 -7.78
CA PHE A 33 18.11 -14.08 -6.95
C PHE A 33 17.35 -15.34 -6.54
N ARG A 34 17.04 -16.23 -7.49
CA ARG A 34 16.28 -17.44 -7.17
C ARG A 34 16.96 -18.29 -6.14
N ARG A 35 18.28 -18.49 -6.28
CA ARG A 35 19.17 -19.26 -5.37
C ARG A 35 19.46 -18.51 -4.06
N ASN A 36 19.86 -17.25 -4.13
CA ASN A 36 20.23 -16.45 -2.99
C ASN A 36 19.08 -15.96 -2.11
N ILE A 37 17.86 -15.96 -2.56
CA ILE A 37 16.77 -15.48 -1.71
C ILE A 37 16.28 -16.57 -0.74
N LEU A 38 16.72 -17.81 -1.01
CA LEU A 38 16.29 -19.01 -0.30
C LEU A 38 16.67 -19.01 1.17
N ASN A 39 17.56 -18.10 1.60
CA ASN A 39 17.93 -18.03 3.03
C ASN A 39 16.81 -17.34 3.85
N VAL A 40 15.96 -16.52 3.20
CA VAL A 40 14.80 -15.89 3.84
C VAL A 40 13.78 -17.04 4.07
N CYS A 41 13.61 -17.92 3.03
CA CYS A 41 12.72 -19.07 3.07
C CYS A 41 13.06 -19.98 4.25
N LYS A 42 14.37 -20.33 4.39
CA LYS A 42 14.94 -21.15 5.47
C LYS A 42 14.68 -20.52 6.83
N GLU A 43 15.04 -19.25 6.99
CA GLU A 43 14.86 -18.51 8.22
C GLU A 43 13.44 -18.41 8.65
N ALA A 44 12.53 -18.12 7.72
CA ALA A 44 11.11 -17.99 8.04
C ALA A 44 10.51 -19.30 8.54
N VAL A 45 10.86 -20.42 7.87
CA VAL A 45 10.42 -21.77 8.21
C VAL A 45 10.95 -22.19 9.58
N ASP A 46 12.25 -21.91 9.82
CA ASP A 46 12.90 -22.19 11.08
C ASP A 46 12.20 -21.50 12.26
N LEU A 47 11.72 -20.26 12.06
CA LEU A 47 11.00 -19.48 13.06
C LEU A 47 9.63 -20.10 13.37
N ARG A 48 8.98 -20.71 12.34
CA ARG A 48 7.68 -21.37 12.43
C ARG A 48 7.83 -22.72 13.14
N ASP A 49 9.01 -23.35 13.01
CA ASP A 49 9.27 -24.63 13.67
C ASP A 49 9.94 -24.45 15.02
N LEU A 50 10.09 -23.21 15.50
CA LEU A 50 10.79 -22.90 16.75
C LEU A 50 10.11 -23.41 18.04
N ASN A 51 8.79 -23.22 18.17
CA ASN A 51 7.99 -23.60 19.33
C ASN A 51 6.70 -24.31 18.87
N SER A 52 6.83 -25.27 17.93
CA SER A 52 5.68 -26.01 17.38
C SER A 52 4.88 -26.69 18.52
N PRO A 53 3.53 -26.71 18.46
CA PRO A 53 2.66 -26.22 17.38
C PRO A 53 2.37 -24.72 17.39
N HIS A 54 2.32 -24.10 18.61
CA HIS A 54 2.02 -22.69 18.83
C HIS A 54 2.67 -21.76 17.79
N SER A 55 4.01 -21.85 17.65
CA SER A 55 4.86 -21.13 16.71
C SER A 55 4.26 -21.12 15.28
N ARG A 56 3.66 -22.25 14.88
CA ARG A 56 3.07 -22.44 13.55
C ARG A 56 1.62 -21.93 13.50
N ALA A 57 0.90 -21.97 14.65
CA ALA A 57 -0.46 -21.44 14.74
C ALA A 57 -0.41 -19.91 14.74
N MET A 58 0.67 -19.30 15.29
CA MET A 58 0.86 -17.84 15.34
C MET A 58 1.09 -17.32 13.91
N TYR A 59 1.71 -18.15 13.07
CA TYR A 59 1.99 -17.85 11.67
C TYR A 59 0.65 -17.91 10.89
N VAL A 60 -0.10 -19.02 11.08
CA VAL A 60 -1.36 -19.21 10.40
C VAL A 60 -2.46 -18.24 10.93
N TYR A 61 -2.63 -18.11 12.28
CA TYR A 61 -3.63 -17.24 12.94
C TYR A 61 -2.97 -16.14 13.79
N PRO A 62 -2.38 -15.10 13.14
CA PRO A 62 -1.72 -14.06 13.92
C PRO A 62 -2.69 -13.16 14.66
N PRO A 63 -2.27 -12.62 15.81
CA PRO A 63 -3.15 -11.72 16.56
C PRO A 63 -3.51 -10.47 15.77
N ASN A 64 -4.80 -10.22 15.63
CA ASN A 64 -5.29 -9.05 14.92
C ASN A 64 -5.38 -7.89 15.93
N VAL A 65 -4.21 -7.37 16.31
CA VAL A 65 -4.09 -6.34 17.34
C VAL A 65 -3.73 -4.94 16.77
N GLU A 66 -4.11 -3.91 17.54
CA GLU A 66 -3.82 -2.50 17.32
C GLU A 66 -2.37 -2.30 17.76
N SER A 67 -1.70 -1.25 17.24
CA SER A 67 -0.30 -0.98 17.56
C SER A 67 -0.07 -0.61 19.05
N SER A 68 -0.96 0.21 19.66
CA SER A 68 -0.84 0.66 21.05
C SER A 68 -1.94 0.11 21.97
N PRO A 69 -1.60 -0.36 23.21
CA PRO A 69 -2.63 -0.89 24.13
C PRO A 69 -3.54 0.18 24.77
N GLU A 70 -3.06 1.43 24.82
CA GLU A 70 -3.76 2.54 25.47
C GLU A 70 -5.08 2.89 24.81
N LEU A 71 -6.16 2.82 25.59
CA LEU A 71 -7.51 3.13 25.15
C LEU A 71 -7.83 4.63 25.26
N PRO A 72 -8.12 5.31 24.10
CA PRO A 72 -8.45 6.75 24.13
C PRO A 72 -9.57 7.13 25.09
N LYS A 73 -9.56 8.39 25.54
CA LYS A 73 -10.51 8.97 26.48
C LYS A 73 -11.97 8.56 26.22
N HIS A 74 -12.47 8.75 24.97
CA HIS A 74 -13.84 8.42 24.57
C HIS A 74 -14.12 6.91 24.46
N ILE A 75 -13.07 6.12 24.13
CA ILE A 75 -13.18 4.66 24.01
C ILE A 75 -13.24 4.04 25.41
N TYR A 76 -12.34 4.45 26.33
CA TYR A 76 -12.34 3.98 27.72
C TYR A 76 -13.66 4.34 28.45
N ASN A 77 -14.29 5.46 28.04
CA ASN A 77 -15.56 5.95 28.59
C ASN A 77 -16.78 5.08 28.22
N LYS A 78 -16.69 4.30 27.12
CA LYS A 78 -17.75 3.38 26.69
C LYS A 78 -17.83 2.16 27.62
N LEU A 79 -16.71 1.83 28.29
CA LEU A 79 -16.61 0.76 29.28
C LEU A 79 -17.33 1.20 30.55
N ASP A 80 -18.08 0.29 31.21
CA ASP A 80 -18.77 0.61 32.46
C ASP A 80 -17.81 0.43 33.64
N LYS A 81 -17.32 1.58 34.16
CA LYS A 81 -16.32 1.68 35.24
C LYS A 81 -15.02 0.95 34.86
N GLY A 82 -14.65 1.09 33.58
CA GLY A 82 -13.47 0.49 32.97
C GLY A 82 -13.56 -1.02 32.78
N GLN A 83 -14.80 -1.56 32.72
CA GLN A 83 -15.02 -3.00 32.58
C GLN A 83 -15.87 -3.35 31.36
N ILE A 84 -15.40 -4.33 30.57
CA ILE A 84 -16.12 -4.79 29.37
C ILE A 84 -16.91 -6.07 29.63
N ILE A 85 -18.18 -6.08 29.19
CA ILE A 85 -19.01 -7.28 29.25
C ILE A 85 -18.71 -8.05 27.95
N VAL A 86 -18.36 -9.34 28.07
CA VAL A 86 -18.02 -10.27 26.98
C VAL A 86 -18.91 -11.53 27.14
N VAL A 87 -19.22 -12.21 26.03
CA VAL A 87 -20.00 -13.45 26.03
C VAL A 87 -19.11 -14.57 25.48
N ILE A 88 -18.87 -15.62 26.28
CA ILE A 88 -18.05 -16.77 25.88
C ILE A 88 -18.95 -17.96 25.63
N TRP A 89 -18.73 -18.64 24.49
CA TRP A 89 -19.52 -19.79 24.04
C TRP A 89 -18.72 -21.08 24.03
N VAL A 90 -19.34 -22.16 24.46
CA VAL A 90 -18.73 -23.49 24.52
C VAL A 90 -19.61 -24.43 23.71
N ILE A 91 -19.02 -25.14 22.73
CA ILE A 91 -19.80 -26.10 21.96
C ILE A 91 -19.74 -27.42 22.71
N VAL A 92 -20.82 -27.70 23.44
CA VAL A 92 -20.93 -28.87 24.30
C VAL A 92 -21.36 -30.12 23.49
N SER A 93 -20.99 -31.33 24.00
CA SER A 93 -21.23 -32.67 23.43
C SER A 93 -22.46 -32.73 22.53
N PRO A 94 -22.31 -33.13 21.22
CA PRO A 94 -23.47 -33.14 20.28
C PRO A 94 -24.82 -33.69 20.83
N ASN A 95 -26.01 -33.17 20.36
CA ASN A 95 -26.31 -32.22 19.25
C ASN A 95 -25.75 -30.77 19.39
N ASN A 96 -24.42 -30.62 19.17
CA ASN A 96 -23.56 -29.43 19.28
C ASN A 96 -24.25 -28.18 19.87
N ASP A 97 -24.66 -28.29 21.16
CA ASP A 97 -25.35 -27.24 21.92
C ASP A 97 -24.44 -26.05 22.26
N LYS A 98 -24.87 -24.87 21.82
CA LYS A 98 -24.16 -23.61 22.05
C LYS A 98 -24.58 -23.07 23.41
N GLN A 99 -23.65 -23.05 24.37
CA GLN A 99 -23.95 -22.53 25.70
C GLN A 99 -23.16 -21.26 25.97
N LYS A 100 -23.86 -20.15 26.29
CA LYS A 100 -23.21 -18.87 26.57
C LYS A 100 -23.01 -18.58 28.06
N TYR A 101 -21.88 -17.95 28.36
CA TYR A 101 -21.47 -17.50 29.69
C TYR A 101 -21.10 -16.03 29.51
N THR A 102 -21.91 -15.12 30.08
CA THR A 102 -21.72 -13.67 29.99
C THR A 102 -20.80 -13.23 31.15
N LEU A 103 -19.67 -12.58 30.84
CA LEU A 103 -18.73 -12.14 31.87
C LEU A 103 -18.49 -10.63 31.85
N LYS A 104 -18.19 -10.05 33.05
CA LYS A 104 -17.83 -8.64 33.22
C LYS A 104 -16.39 -8.60 33.72
N ILE A 105 -15.45 -8.21 32.85
CA ILE A 105 -14.01 -8.18 33.18
C ILE A 105 -13.33 -6.90 32.72
N ASN A 106 -12.16 -6.59 33.35
CA ASN A 106 -11.36 -5.41 33.01
C ASN A 106 -11.00 -5.52 31.54
N HIS A 107 -10.90 -4.40 30.84
CA HIS A 107 -10.56 -4.44 29.42
C HIS A 107 -9.13 -4.93 29.18
N ASP A 108 -8.22 -4.77 30.16
CA ASP A 108 -6.82 -5.16 30.01
C ASP A 108 -6.54 -6.64 30.35
N CYS A 109 -7.60 -7.45 30.58
CA CYS A 109 -7.48 -8.88 30.90
C CYS A 109 -6.86 -9.66 29.72
N VAL A 110 -5.86 -10.49 30.02
CA VAL A 110 -5.19 -11.34 29.06
C VAL A 110 -6.16 -12.50 28.66
N PRO A 111 -6.12 -13.06 27.41
CA PRO A 111 -7.04 -14.17 27.07
C PRO A 111 -7.06 -15.32 28.09
N GLU A 112 -5.89 -15.72 28.65
CA GLU A 112 -5.82 -16.81 29.66
C GLU A 112 -6.65 -16.49 30.91
N GLN A 113 -6.67 -15.20 31.33
CA GLN A 113 -7.44 -14.68 32.47
C GLN A 113 -8.94 -14.79 32.15
N VAL A 114 -9.31 -14.57 30.86
CA VAL A 114 -10.68 -14.65 30.36
C VAL A 114 -11.15 -16.11 30.34
N ILE A 115 -10.27 -17.06 29.91
CA ILE A 115 -10.62 -18.50 29.85
C ILE A 115 -10.90 -19.02 31.28
N ALA A 116 -10.09 -18.59 32.26
CA ALA A 116 -10.25 -18.96 33.68
C ALA A 116 -11.59 -18.44 34.25
N GLU A 117 -11.92 -17.16 33.96
CA GLU A 117 -13.15 -16.49 34.38
C GLU A 117 -14.38 -17.19 33.77
N ALA A 118 -14.28 -17.64 32.49
CA ALA A 118 -15.33 -18.37 31.79
C ALA A 118 -15.57 -19.74 32.44
N ILE A 119 -14.48 -20.44 32.77
CA ILE A 119 -14.52 -21.74 33.44
C ILE A 119 -15.09 -21.57 34.87
N ARG A 120 -14.76 -20.45 35.55
CA ARG A 120 -15.27 -20.07 36.87
C ARG A 120 -16.80 -19.92 36.85
N LYS A 121 -17.36 -19.31 35.78
CA LYS A 121 -18.81 -19.11 35.59
C LYS A 121 -19.52 -20.43 35.24
N LYS A 122 -18.87 -21.25 34.39
CA LYS A 122 -19.35 -22.57 33.93
C LYS A 122 -19.50 -23.55 35.09
N THR A 123 -18.44 -23.72 35.92
CA THR A 123 -18.38 -24.61 37.08
C THR A 123 -19.30 -24.17 38.22
N ARG A 124 -19.61 -22.85 38.30
CA ARG A 124 -20.46 -22.23 39.33
C ARG A 124 -21.70 -23.06 39.70
N SER A 125 -22.27 -23.82 38.71
CA SER A 125 -23.42 -24.73 38.88
C SER A 125 -23.08 -25.77 39.97
N MET A 126 -21.94 -26.49 39.79
CA MET A 126 -21.43 -27.45 40.77
C MET A 126 -20.74 -26.59 41.84
N LEU A 127 -21.53 -26.19 42.87
CA LEU A 127 -21.08 -25.34 43.97
C LEU A 127 -20.06 -26.01 44.91
N LEU A 128 -19.80 -27.32 44.70
CA LEU A 128 -18.82 -28.13 45.45
C LEU A 128 -17.40 -27.58 45.16
N SER A 129 -17.12 -27.29 43.86
CA SER A 129 -15.85 -26.76 43.36
C SER A 129 -15.75 -25.23 43.55
N SER A 130 -16.89 -24.55 43.84
CA SER A 130 -16.96 -23.10 44.04
C SER A 130 -16.22 -22.65 45.30
N GLU A 131 -16.61 -23.20 46.47
CA GLU A 131 -15.99 -22.86 47.76
C GLU A 131 -14.59 -23.51 47.88
N GLN A 132 -14.53 -24.84 48.08
CA GLN A 132 -13.29 -25.60 48.21
C GLN A 132 -12.56 -25.74 46.87
N LEU A 133 -11.28 -25.31 46.82
CA LEU A 133 -10.38 -25.33 45.68
C LEU A 133 -11.03 -24.77 44.41
N LYS A 134 -11.11 -23.44 44.33
CA LYS A 134 -11.69 -22.71 43.20
C LYS A 134 -10.90 -22.91 41.91
N LEU A 135 -9.65 -23.42 42.02
CA LEU A 135 -8.69 -23.64 40.93
C LEU A 135 -9.18 -24.56 39.80
N CYS A 136 -9.69 -25.79 40.09
CA CYS A 136 -10.18 -26.77 39.08
C CYS A 136 -9.04 -27.17 38.10
N VAL A 137 -7.94 -27.76 38.64
CA VAL A 137 -6.72 -28.19 37.93
C VAL A 137 -6.11 -26.98 37.15
N LEU A 138 -5.71 -25.92 37.92
CA LEU A 138 -5.17 -24.62 37.48
C LEU A 138 -6.13 -23.91 36.48
N GLU A 139 -7.40 -24.37 36.41
CA GLU A 139 -8.45 -23.93 35.49
C GLU A 139 -8.01 -24.16 34.03
N TYR A 140 -7.12 -25.17 33.82
CA TYR A 140 -6.50 -25.60 32.56
C TYR A 140 -6.78 -24.64 31.38
N GLN A 141 -6.22 -23.41 31.49
CA GLN A 141 -6.35 -22.36 30.48
C GLN A 141 -5.40 -22.65 29.30
N GLY A 142 -4.51 -23.63 29.49
CA GLY A 142 -3.57 -24.13 28.49
C GLY A 142 -4.14 -25.30 27.71
N LYS A 143 -5.42 -25.66 28.02
CA LYS A 143 -6.17 -26.71 27.34
C LYS A 143 -7.16 -26.07 26.33
N TYR A 144 -7.32 -24.72 26.39
CA TYR A 144 -8.23 -23.90 25.58
C TYR A 144 -7.64 -22.58 25.07
N ILE A 145 -8.15 -22.13 23.93
CA ILE A 145 -7.85 -20.87 23.26
C ILE A 145 -9.16 -20.18 22.84
N LEU A 146 -9.16 -18.84 22.86
CA LEU A 146 -10.33 -18.07 22.40
C LEU A 146 -10.31 -17.89 20.87
N LYS A 147 -11.51 -17.88 20.30
CA LYS A 147 -11.72 -17.70 18.87
C LYS A 147 -12.84 -16.65 18.74
N VAL A 148 -12.89 -15.93 17.63
CA VAL A 148 -14.00 -15.01 17.42
C VAL A 148 -15.11 -15.86 16.84
N CYS A 149 -16.31 -15.81 17.46
CA CYS A 149 -17.52 -16.47 16.96
C CYS A 149 -17.78 -15.92 15.55
N GLY A 150 -18.03 -16.82 14.60
CA GLY A 150 -18.37 -16.46 13.23
C GLY A 150 -17.27 -16.37 12.21
N CYS A 151 -15.98 -16.33 12.63
CA CYS A 151 -14.83 -16.22 11.71
C CYS A 151 -13.58 -16.83 12.27
N ASP A 152 -12.57 -17.02 11.41
CA ASP A 152 -11.31 -17.66 11.78
C ASP A 152 -10.26 -16.70 12.32
N GLU A 153 -10.58 -16.01 13.42
N GLU A 153 -10.58 -15.95 13.41
CA GLU A 153 -9.71 -15.07 14.14
CA GLU A 153 -9.63 -15.06 14.11
C GLU A 153 -9.51 -15.66 15.54
C GLU A 153 -9.50 -15.61 15.53
N TYR A 154 -8.26 -15.90 15.96
CA TYR A 154 -7.93 -16.51 17.28
C TYR A 154 -7.16 -15.56 18.19
N PHE A 155 -7.34 -15.70 19.52
CA PHE A 155 -6.67 -14.87 20.54
C PHE A 155 -5.60 -15.74 21.20
N LEU A 156 -4.45 -15.86 20.49
CA LEU A 156 -3.33 -16.76 20.82
C LEU A 156 -2.19 -16.12 21.61
N GLU A 157 -2.11 -14.78 21.65
CA GLU A 157 -1.01 -14.12 22.36
C GLU A 157 -1.51 -13.34 23.59
N LYS A 158 -0.61 -13.21 24.60
CA LYS A 158 -0.82 -12.55 25.89
C LYS A 158 -0.98 -11.01 25.75
N TYR A 159 -1.98 -10.55 24.98
CA TYR A 159 -2.26 -9.11 24.80
C TYR A 159 -3.47 -8.72 25.65
N PRO A 160 -3.56 -7.46 26.16
CA PRO A 160 -4.82 -7.05 26.80
C PRO A 160 -5.96 -7.21 25.78
N LEU A 161 -7.09 -7.85 26.19
CA LEU A 161 -8.25 -8.17 25.33
C LEU A 161 -8.73 -6.98 24.49
N SER A 162 -8.72 -5.75 25.05
CA SER A 162 -9.11 -4.51 24.37
C SER A 162 -8.16 -4.08 23.22
N GLN A 163 -6.90 -4.55 23.23
CA GLN A 163 -5.91 -4.21 22.19
C GLN A 163 -6.24 -4.94 20.90
N TYR A 164 -7.03 -6.05 20.98
CA TYR A 164 -7.45 -6.84 19.82
C TYR A 164 -8.50 -6.04 19.07
N LYS A 165 -8.26 -5.80 17.76
CA LYS A 165 -9.09 -5.00 16.85
C LYS A 165 -10.57 -5.29 16.93
N TYR A 166 -10.96 -6.58 17.05
CA TYR A 166 -12.36 -7.03 17.18
C TYR A 166 -12.95 -6.49 18.46
N ILE A 167 -12.23 -6.65 19.59
CA ILE A 167 -12.66 -6.19 20.92
C ILE A 167 -12.70 -4.66 21.00
N ARG A 168 -11.73 -3.94 20.39
CA ARG A 168 -11.72 -2.46 20.38
C ARG A 168 -12.91 -1.93 19.59
N SER A 169 -13.21 -2.58 18.45
CA SER A 169 -14.37 -2.27 17.60
C SER A 169 -15.66 -2.41 18.43
N CYS A 170 -15.85 -3.60 19.06
CA CYS A 170 -16.99 -3.92 19.94
C CYS A 170 -17.25 -2.86 21.01
N ILE A 171 -16.15 -2.25 21.55
CA ILE A 171 -16.20 -1.18 22.56
C ILE A 171 -16.77 0.09 21.91
N MET A 172 -16.20 0.50 20.77
CA MET A 172 -16.59 1.70 20.03
C MET A 172 -18.02 1.66 19.47
N LEU A 173 -18.41 0.53 18.85
CA LEU A 173 -19.71 0.38 18.21
C LEU A 173 -20.85 -0.01 19.15
N GLY A 174 -20.53 -0.25 20.42
CA GLY A 174 -21.51 -0.64 21.42
C GLY A 174 -22.09 -2.03 21.22
N ARG A 175 -21.28 -2.93 20.61
CA ARG A 175 -21.64 -4.31 20.34
C ARG A 175 -21.06 -5.23 21.41
N MET A 176 -21.82 -6.29 21.77
CA MET A 176 -21.33 -7.26 22.75
C MET A 176 -20.39 -8.26 22.02
N PRO A 177 -19.14 -8.46 22.51
CA PRO A 177 -18.26 -9.42 21.84
C PRO A 177 -18.66 -10.85 22.15
N ASN A 178 -18.75 -11.67 21.12
CA ASN A 178 -19.08 -13.08 21.27
C ASN A 178 -17.84 -13.86 20.93
N LEU A 179 -17.29 -14.55 21.91
CA LEU A 179 -16.09 -15.35 21.71
C LEU A 179 -16.41 -16.82 21.90
N MET A 180 -15.58 -17.66 21.30
CA MET A 180 -15.80 -19.07 21.42
C MET A 180 -14.57 -19.75 21.96
N LEU A 181 -14.78 -20.52 23.03
CA LEU A 181 -13.81 -21.34 23.73
C LEU A 181 -13.68 -22.60 22.91
N MET A 182 -12.48 -22.80 22.37
CA MET A 182 -12.12 -23.91 21.51
C MET A 182 -10.87 -24.57 22.07
N ALA A 183 -10.90 -25.89 22.31
CA ALA A 183 -9.76 -26.60 22.87
C ALA A 183 -8.53 -26.45 21.99
N LYS A 184 -7.39 -26.12 22.63
CA LYS A 184 -6.06 -25.89 22.04
C LYS A 184 -5.66 -26.98 21.04
N GLU A 185 -5.85 -28.26 21.41
CA GLU A 185 -5.48 -29.42 20.59
C GLU A 185 -6.32 -29.58 19.29
N SER A 186 -7.53 -29.01 19.25
CA SER A 186 -8.44 -29.04 18.10
C SER A 186 -8.01 -28.07 16.99
N LEU A 187 -7.39 -26.95 17.36
CA LEU A 187 -6.85 -25.99 16.41
C LEU A 187 -5.52 -26.55 15.91
N TYR A 188 -4.59 -26.88 16.84
CA TYR A 188 -3.26 -27.46 16.61
C TYR A 188 -3.21 -28.67 15.64
N SER A 189 -4.26 -29.52 15.62
CA SER A 189 -4.37 -30.68 14.73
C SER A 189 -4.79 -30.27 13.32
N GLN A 190 -5.67 -29.26 13.20
CA GLN A 190 -6.21 -28.65 11.96
C GLN A 190 -5.06 -28.07 11.09
N LEU A 191 -3.91 -27.77 11.74
CA LEU A 191 -2.69 -27.21 11.18
C LEU A 191 -1.72 -28.32 10.68
N PRO A 192 -1.52 -28.49 9.35
CA PRO A 192 -0.58 -29.55 8.90
C PRO A 192 0.84 -29.04 8.95
N MET A 193 1.75 -29.81 9.59
CA MET A 193 3.15 -29.42 9.72
C MET A 193 3.78 -29.20 8.35
N ASP A 194 4.56 -28.11 8.24
CA ASP A 194 5.25 -27.72 7.01
C ASP A 194 6.43 -28.65 6.68
N CYS A 195 6.53 -28.98 5.40
CA CYS A 195 7.57 -29.82 4.82
C CYS A 195 8.25 -29.02 3.69
N PHE A 196 8.88 -27.87 4.06
CA PHE A 196 9.58 -27.01 3.13
C PHE A 196 10.82 -27.71 2.62
N THR A 197 10.97 -27.77 1.29
CA THR A 197 12.12 -28.38 0.66
C THR A 197 12.90 -27.34 -0.12
N MET A 198 14.20 -27.55 -0.27
CA MET A 198 15.05 -26.67 -1.06
C MET A 198 14.93 -27.11 -2.52
N PRO A 199 14.67 -26.19 -3.47
CA PRO A 199 14.57 -26.59 -4.89
C PRO A 199 15.92 -27.02 -5.52
N SER A 200 15.87 -27.74 -6.66
CA SER A 200 17.04 -28.24 -7.39
C SER A 200 18.01 -27.14 -7.86
N TYR A 201 17.46 -25.94 -8.06
CA TYR A 201 18.24 -24.80 -8.51
C TYR A 201 19.12 -24.22 -7.39
N SER A 202 18.76 -24.55 -6.12
CA SER A 202 19.45 -24.10 -4.91
C SER A 202 20.86 -24.68 -4.77
N ARG A 203 21.23 -25.66 -5.62
CA ARG A 203 22.56 -26.30 -5.61
C ARG A 203 23.60 -25.44 -6.40
N ARG A 204 23.35 -25.28 -7.73
CA ARG A 204 24.10 -24.58 -8.79
C ARG A 204 24.90 -23.34 -8.31
N THR A 218 40.60 -7.51 -11.09
CA THR A 218 39.60 -6.64 -10.49
C THR A 218 40.23 -5.30 -10.08
N LYS A 219 39.75 -4.16 -10.66
CA LYS A 219 40.20 -2.79 -10.38
C LYS A 219 39.06 -1.92 -9.81
N SER A 220 39.38 -0.99 -8.89
CA SER A 220 38.40 -0.09 -8.25
C SER A 220 38.15 1.15 -9.08
N LEU A 221 36.87 1.56 -9.17
CA LEU A 221 36.33 2.71 -9.88
C LEU A 221 37.10 4.02 -9.67
N TRP A 222 37.49 4.29 -8.42
CA TRP A 222 38.15 5.52 -8.01
C TRP A 222 39.59 5.75 -8.58
N VAL A 223 40.17 4.74 -9.28
CA VAL A 223 41.50 4.84 -9.91
C VAL A 223 41.40 5.16 -11.43
N ILE A 224 40.16 5.30 -11.96
CA ILE A 224 39.87 5.58 -13.37
C ILE A 224 39.77 7.13 -13.58
N ASN A 225 40.94 7.79 -13.75
CA ASN A 225 41.08 9.24 -13.95
C ASN A 225 40.62 9.66 -15.37
N SER A 226 39.32 9.43 -15.69
CA SER A 226 38.70 9.70 -17.00
C SER A 226 37.23 10.17 -16.92
N ALA A 227 36.75 10.81 -18.01
CA ALA A 227 35.37 11.26 -18.19
C ALA A 227 34.60 10.08 -18.75
N LEU A 228 33.30 9.97 -18.43
CA LEU A 228 32.47 8.88 -18.90
C LEU A 228 32.17 9.01 -20.41
N ARG A 229 32.09 7.85 -21.08
CA ARG A 229 31.77 7.72 -22.49
C ARG A 229 31.03 6.43 -22.75
N ILE A 230 30.02 6.53 -23.62
CA ILE A 230 29.14 5.46 -24.04
C ILE A 230 29.02 5.51 -25.57
N LYS A 231 29.19 4.36 -26.24
CA LYS A 231 29.07 4.29 -27.69
C LYS A 231 27.63 3.94 -28.05
N ILE A 232 27.05 4.69 -28.99
CA ILE A 232 25.69 4.47 -29.50
C ILE A 232 25.84 3.90 -30.92
N LEU A 233 25.71 2.56 -31.06
CA LEU A 233 25.90 1.86 -32.32
C LEU A 233 24.72 2.00 -33.25
N CYS A 234 23.79 1.05 -33.21
CA CYS A 234 22.66 1.05 -34.12
C CYS A 234 21.34 0.69 -33.46
N ALA A 235 20.23 1.03 -34.14
CA ALA A 235 18.88 0.70 -33.69
C ALA A 235 18.14 -0.10 -34.76
N THR A 236 17.37 -1.11 -34.33
CA THR A 236 16.54 -2.00 -35.14
C THR A 236 15.13 -2.09 -34.54
N TYR A 237 14.14 -2.52 -35.35
CA TYR A 237 12.71 -2.61 -35.04
C TYR A 237 12.12 -1.20 -34.84
N VAL A 238 12.78 -0.21 -35.48
CA VAL A 238 12.41 1.19 -35.48
C VAL A 238 11.72 1.36 -36.81
N ASN A 239 10.45 0.92 -36.84
CA ASN A 239 9.61 0.98 -38.04
C ASN A 239 8.87 2.32 -38.04
N VAL A 240 9.17 3.16 -39.05
CA VAL A 240 8.63 4.52 -39.13
C VAL A 240 8.12 4.90 -40.51
N ASN A 241 6.97 5.60 -40.57
CA ASN A 241 6.41 6.07 -41.83
C ASN A 241 7.32 7.18 -42.31
N ILE A 242 8.07 6.86 -43.37
CA ILE A 242 9.09 7.66 -44.06
C ILE A 242 8.56 9.06 -44.44
N ARG A 243 7.33 9.12 -45.04
CA ARG A 243 6.62 10.33 -45.49
C ARG A 243 6.51 11.46 -44.41
N ASP A 244 6.36 11.07 -43.12
CA ASP A 244 6.22 11.94 -41.95
C ASP A 244 7.59 12.44 -41.42
N ILE A 245 8.34 11.57 -40.71
CA ILE A 245 9.63 11.83 -40.07
C ILE A 245 10.74 12.15 -41.09
N ASP A 246 11.64 13.06 -40.71
CA ASP A 246 12.77 13.48 -41.53
C ASP A 246 14.08 12.79 -41.10
N LYS A 247 14.40 12.83 -39.79
CA LYS A 247 15.60 12.23 -39.18
C LYS A 247 15.30 11.66 -37.78
N ILE A 248 16.18 10.77 -37.24
CA ILE A 248 16.07 10.18 -35.88
C ILE A 248 17.41 10.24 -35.14
N TYR A 249 17.37 10.65 -33.86
CA TYR A 249 18.56 10.77 -33.02
C TYR A 249 18.30 10.13 -31.66
N VAL A 250 19.36 9.79 -30.93
CA VAL A 250 19.21 9.19 -29.61
C VAL A 250 19.55 10.23 -28.54
N ARG A 251 18.58 10.52 -27.64
CA ARG A 251 18.75 11.46 -26.54
C ARG A 251 19.20 10.65 -25.32
N THR A 252 20.31 11.02 -24.67
CA THR A 252 20.85 10.29 -23.52
C THR A 252 21.21 11.23 -22.38
N GLY A 253 21.14 10.73 -21.14
CA GLY A 253 21.46 11.48 -19.93
C GLY A 253 21.86 10.60 -18.76
N ILE A 254 22.67 11.14 -17.86
CA ILE A 254 23.12 10.41 -16.69
C ILE A 254 22.39 10.96 -15.47
N TYR A 255 21.59 10.10 -14.81
CA TYR A 255 20.72 10.41 -13.69
C TYR A 255 20.99 9.64 -12.42
N HIS A 256 20.54 10.21 -11.30
CA HIS A 256 20.54 9.64 -9.96
C HIS A 256 19.12 9.87 -9.44
N GLY A 257 18.25 8.92 -9.69
CA GLY A 257 16.85 9.14 -9.34
C GLY A 257 16.26 10.04 -10.40
N GLY A 258 15.48 11.03 -9.99
CA GLY A 258 14.86 11.94 -10.95
C GLY A 258 15.68 13.19 -11.24
N GLU A 259 16.97 13.17 -10.86
CA GLU A 259 17.87 14.31 -10.97
C GLU A 259 19.11 14.00 -11.84
N PRO A 260 19.44 14.86 -12.87
CA PRO A 260 20.65 14.59 -13.70
C PRO A 260 21.95 14.94 -13.02
N LEU A 261 22.98 14.11 -13.25
CA LEU A 261 24.33 14.26 -12.70
C LEU A 261 25.21 15.17 -13.60
N CYS A 262 24.77 15.36 -14.86
CA CYS A 262 25.46 16.14 -15.89
C CYS A 262 24.46 16.66 -16.95
N ASP A 263 24.95 17.24 -18.04
CA ASP A 263 24.07 17.72 -19.11
C ASP A 263 23.78 16.60 -20.09
N ASN A 264 22.54 16.54 -20.61
CA ASN A 264 22.09 15.51 -21.57
C ASN A 264 22.76 15.65 -22.96
N VAL A 265 23.37 14.54 -23.44
CA VAL A 265 24.10 14.44 -24.72
C VAL A 265 23.26 13.70 -25.79
N ASN A 266 23.05 14.34 -26.95
CA ASN A 266 22.32 13.77 -28.09
C ASN A 266 23.30 13.29 -29.14
N THR A 267 22.92 12.25 -29.91
CA THR A 267 23.75 11.76 -31.01
C THR A 267 23.48 12.63 -32.25
N GLN A 268 24.18 12.34 -33.36
CA GLN A 268 23.95 13.01 -34.63
C GLN A 268 22.59 12.49 -35.17
N ARG A 269 21.95 13.28 -36.05
CA ARG A 269 20.67 12.90 -36.67
C ARG A 269 20.97 12.08 -37.92
N VAL A 270 20.31 10.93 -38.06
CA VAL A 270 20.49 10.03 -39.21
C VAL A 270 19.16 9.75 -39.91
N PRO A 271 19.12 9.57 -41.26
CA PRO A 271 17.84 9.21 -41.91
C PRO A 271 17.30 7.93 -41.27
N CYS A 272 16.02 7.96 -40.89
CA CYS A 272 15.29 6.89 -40.20
C CYS A 272 15.39 5.51 -40.90
N SER A 273 15.66 5.53 -42.22
CA SER A 273 15.84 4.37 -43.09
C SER A 273 17.09 3.56 -42.69
N ASN A 274 18.06 4.22 -42.02
CA ASN A 274 19.29 3.61 -41.54
C ASN A 274 19.67 4.14 -40.13
N PRO A 275 19.14 3.51 -39.05
CA PRO A 275 19.49 3.98 -37.71
C PRO A 275 20.86 3.41 -37.32
N ARG A 276 21.93 4.06 -37.79
CA ARG A 276 23.33 3.67 -37.53
C ARG A 276 24.13 4.91 -37.19
N TRP A 277 24.60 5.00 -35.93
CA TRP A 277 25.32 6.15 -35.40
C TRP A 277 26.82 5.93 -35.19
N ASN A 278 27.25 4.79 -34.55
CA ASN A 278 28.67 4.45 -34.27
C ASN A 278 29.45 5.59 -33.55
N GLU A 279 28.72 6.41 -32.76
CA GLU A 279 29.24 7.59 -32.04
C GLU A 279 29.57 7.29 -30.59
N TRP A 280 30.63 7.92 -30.07
CA TRP A 280 31.05 7.86 -28.67
C TRP A 280 30.54 9.15 -28.04
N LEU A 281 29.65 9.04 -27.02
CA LEU A 281 29.07 10.20 -26.35
C LEU A 281 29.83 10.55 -25.08
N ASN A 282 30.38 11.78 -25.02
CA ASN A 282 31.18 12.31 -23.91
C ASN A 282 30.34 13.15 -22.93
N TYR A 283 30.36 12.76 -21.64
CA TYR A 283 29.57 13.35 -20.55
C TYR A 283 30.35 14.26 -19.59
N ASP A 284 29.62 15.25 -19.02
CA ASP A 284 30.07 16.25 -18.05
C ASP A 284 30.21 15.62 -16.63
N ILE A 285 30.90 14.46 -16.51
CA ILE A 285 31.07 13.73 -15.24
C ILE A 285 32.38 12.87 -15.19
N TYR A 286 33.07 12.93 -14.02
CA TYR A 286 34.28 12.18 -13.68
C TYR A 286 33.83 10.75 -13.28
N ILE A 287 34.47 9.69 -13.83
CA ILE A 287 34.07 8.30 -13.55
C ILE A 287 34.12 7.99 -12.01
N PRO A 288 35.18 8.33 -11.20
CA PRO A 288 35.10 8.09 -9.74
C PRO A 288 33.97 8.86 -9.04
N ASP A 289 33.47 9.94 -9.68
CA ASP A 289 32.36 10.78 -9.23
C ASP A 289 30.95 10.20 -9.54
N LEU A 290 30.86 9.00 -10.16
CA LEU A 290 29.57 8.37 -10.47
C LEU A 290 28.99 7.72 -9.22
N PRO A 291 27.82 8.17 -8.67
CA PRO A 291 27.28 7.50 -7.46
C PRO A 291 26.81 6.07 -7.75
N ARG A 292 26.63 5.25 -6.71
CA ARG A 292 26.19 3.85 -6.83
C ARG A 292 24.97 3.70 -7.70
N ALA A 293 23.96 4.56 -7.50
CA ALA A 293 22.71 4.45 -8.26
C ALA A 293 22.64 5.27 -9.55
N ALA A 294 23.79 5.59 -10.13
CA ALA A 294 23.83 6.30 -11.41
C ALA A 294 23.22 5.37 -12.46
N ARG A 295 22.48 5.93 -13.43
CA ARG A 295 21.82 5.20 -14.52
C ARG A 295 21.86 5.98 -15.79
N LEU A 296 22.03 5.31 -16.93
CA LEU A 296 21.95 5.93 -18.25
C LEU A 296 20.47 5.93 -18.61
N CYS A 297 19.94 7.10 -18.99
CA CYS A 297 18.56 7.25 -19.43
C CYS A 297 18.60 7.69 -20.86
N LEU A 298 17.92 6.96 -21.75
CA LEU A 298 17.93 7.33 -23.17
C LEU A 298 16.57 7.16 -23.86
N SER A 299 16.48 7.57 -25.15
CA SER A 299 15.28 7.48 -26.00
C SER A 299 15.60 7.72 -27.48
N ILE A 300 14.82 7.12 -28.39
CA ILE A 300 14.98 7.36 -29.83
C ILE A 300 13.97 8.45 -30.17
N CYS A 301 14.45 9.61 -30.61
CA CYS A 301 13.56 10.72 -30.92
C CYS A 301 13.51 11.02 -32.40
N SER A 302 12.33 11.45 -32.86
CA SER A 302 12.10 11.86 -34.24
C SER A 302 12.08 13.38 -34.32
N VAL A 303 12.46 13.92 -35.48
CA VAL A 303 12.48 15.37 -35.72
C VAL A 303 12.07 15.66 -37.18
N LYS A 304 10.91 16.31 -37.32
CA LYS A 304 10.31 16.72 -38.60
C LYS A 304 9.69 18.11 -38.43
N GLY A 305 9.57 18.87 -39.51
CA GLY A 305 8.99 20.21 -39.43
C GLY A 305 8.36 20.71 -40.71
N ARG A 306 8.34 22.04 -40.92
CA ARG A 306 8.86 23.08 -40.02
C ARG A 306 7.85 24.21 -39.90
N LYS A 307 7.21 24.59 -41.05
CA LYS A 307 6.20 25.66 -41.21
C LYS A 307 6.84 27.05 -40.97
N GLY A 308 8.17 27.07 -40.91
CA GLY A 308 8.95 28.28 -40.64
C GLY A 308 9.02 28.57 -39.15
N ALA A 309 8.65 27.56 -38.34
CA ALA A 309 8.61 27.60 -36.87
C ALA A 309 9.70 26.70 -36.26
N LYS A 310 9.62 26.43 -34.94
CA LYS A 310 10.55 25.57 -34.22
C LYS A 310 10.35 24.10 -34.62
N GLU A 311 11.41 23.29 -34.48
CA GLU A 311 11.43 21.85 -34.84
C GLU A 311 10.56 20.99 -33.92
N GLU A 312 9.75 20.10 -34.52
CA GLU A 312 8.83 19.20 -33.82
C GLU A 312 9.51 17.89 -33.32
N HIS A 313 10.13 17.95 -32.11
CA HIS A 313 10.78 16.81 -31.46
C HIS A 313 9.75 15.89 -30.82
N CYS A 314 9.83 14.60 -31.12
CA CYS A 314 8.91 13.60 -30.55
C CYS A 314 9.70 12.35 -30.07
N PRO A 315 9.60 11.94 -28.78
CA PRO A 315 10.30 10.72 -28.36
C PRO A 315 9.48 9.49 -28.79
N LEU A 316 10.08 8.59 -29.61
CA LEU A 316 9.45 7.38 -30.12
C LEU A 316 9.33 6.27 -29.08
N ALA A 317 10.47 5.84 -28.50
CA ALA A 317 10.56 4.82 -27.43
C ALA A 317 11.66 5.19 -26.48
N TRP A 318 11.54 4.78 -25.20
CA TRP A 318 12.54 5.10 -24.15
C TRP A 318 13.11 3.87 -23.43
N GLY A 319 14.25 4.06 -22.77
CA GLY A 319 14.90 3.03 -22.00
C GLY A 319 15.94 3.57 -21.04
N ASN A 320 16.11 2.92 -19.88
CA ASN A 320 17.13 3.29 -18.89
C ASN A 320 17.92 2.04 -18.47
N ILE A 321 19.25 2.17 -18.33
CA ILE A 321 20.19 1.13 -17.90
C ILE A 321 20.93 1.61 -16.64
N ASN A 322 21.15 0.71 -15.67
CA ASN A 322 21.94 1.02 -14.49
C ASN A 322 23.41 0.99 -14.91
N LEU A 323 24.17 2.05 -14.54
CA LEU A 323 25.59 2.17 -14.86
C LEU A 323 26.44 1.12 -14.15
N PHE A 324 25.93 0.52 -13.04
CA PHE A 324 26.58 -0.54 -12.26
C PHE A 324 25.62 -1.72 -12.15
N ASP A 325 26.11 -2.95 -12.29
CA ASP A 325 25.25 -4.13 -12.13
C ASP A 325 25.09 -4.55 -10.64
N TYR A 326 24.26 -5.58 -10.36
CA TYR A 326 23.96 -6.07 -9.02
C TYR A 326 25.20 -6.46 -8.21
N THR A 327 26.32 -6.81 -8.88
CA THR A 327 27.55 -7.19 -8.19
C THR A 327 28.54 -6.02 -8.02
N ASP A 328 28.03 -4.75 -8.01
CA ASP A 328 28.81 -3.50 -7.88
C ASP A 328 29.78 -3.25 -9.06
N THR A 329 29.67 -4.06 -10.15
CA THR A 329 30.54 -3.95 -11.33
C THR A 329 30.05 -2.81 -12.22
N LEU A 330 30.94 -1.86 -12.57
CA LEU A 330 30.60 -0.78 -13.49
C LEU A 330 30.48 -1.47 -14.85
N VAL A 331 29.28 -1.39 -15.47
CA VAL A 331 28.93 -2.07 -16.71
C VAL A 331 29.91 -1.70 -17.80
N SER A 332 30.53 -2.73 -18.37
CA SER A 332 31.53 -2.65 -19.43
C SER A 332 31.22 -3.61 -20.59
N GLY A 333 31.55 -3.20 -21.82
CA GLY A 333 31.37 -4.02 -23.00
C GLY A 333 30.17 -3.66 -23.87
N LYS A 334 29.86 -4.54 -24.83
CA LYS A 334 28.74 -4.37 -25.74
C LYS A 334 27.41 -4.69 -25.05
N MET A 335 26.34 -3.99 -25.44
CA MET A 335 25.01 -4.12 -24.83
C MET A 335 23.89 -3.92 -25.85
N ALA A 336 22.70 -4.42 -25.52
CA ALA A 336 21.50 -4.21 -26.31
C ALA A 336 20.33 -3.92 -25.38
N LEU A 337 19.64 -2.82 -25.64
CA LEU A 337 18.51 -2.45 -24.81
C LEU A 337 17.25 -2.39 -25.66
N ASN A 338 16.25 -3.26 -25.34
CA ASN A 338 14.96 -3.31 -26.03
C ASN A 338 14.08 -2.27 -25.35
N LEU A 339 13.83 -1.17 -26.09
CA LEU A 339 13.12 0.01 -25.60
C LEU A 339 11.63 -0.19 -25.37
N TRP A 340 11.02 0.76 -24.65
CA TRP A 340 9.64 0.78 -24.19
C TRP A 340 8.82 1.89 -24.82
N PRO A 341 7.50 1.65 -25.03
CA PRO A 341 6.63 2.70 -25.59
C PRO A 341 6.53 3.92 -24.68
N VAL A 342 6.39 5.11 -25.28
CA VAL A 342 6.28 6.37 -24.53
C VAL A 342 4.87 6.53 -23.91
N PRO A 343 4.71 6.60 -22.56
CA PRO A 343 3.36 6.74 -21.99
C PRO A 343 2.82 8.15 -22.22
N HIS A 344 1.50 8.22 -22.54
CA HIS A 344 0.74 9.44 -22.84
C HIS A 344 1.00 10.58 -21.87
N GLY A 345 1.24 11.76 -22.42
CA GLY A 345 1.51 12.98 -21.66
C GLY A 345 2.87 12.96 -20.98
N LEU A 346 3.91 12.60 -21.74
CA LEU A 346 5.26 12.64 -21.20
C LEU A 346 5.83 14.01 -21.59
N GLU A 347 6.02 14.89 -20.58
CA GLU A 347 6.49 16.28 -20.76
C GLU A 347 7.98 16.40 -21.15
N ASP A 348 8.72 15.27 -21.10
CA ASP A 348 10.14 15.27 -21.44
C ASP A 348 10.47 14.29 -22.58
N LEU A 349 11.66 14.47 -23.21
CA LEU A 349 12.16 13.58 -24.25
C LEU A 349 12.74 12.29 -23.61
N LEU A 350 13.08 12.35 -22.30
CA LEU A 350 13.60 11.25 -21.47
C LEU A 350 12.57 10.86 -20.39
N ASN A 351 12.68 9.62 -19.85
CA ASN A 351 11.77 9.11 -18.82
C ASN A 351 12.58 8.59 -17.65
N PRO A 352 13.19 9.50 -16.83
CA PRO A 352 14.06 9.04 -15.75
C PRO A 352 13.35 8.23 -14.66
N ILE A 353 12.12 8.64 -14.28
CA ILE A 353 11.32 7.98 -13.24
C ILE A 353 10.79 6.62 -13.78
N GLY A 354 10.93 6.41 -15.11
CA GLY A 354 10.57 5.18 -15.79
C GLY A 354 11.33 3.95 -15.32
N VAL A 355 10.81 2.78 -15.64
CA VAL A 355 11.37 1.48 -15.24
C VAL A 355 12.71 1.28 -15.88
N THR A 356 13.66 0.77 -15.10
CA THR A 356 15.01 0.52 -15.59
C THR A 356 15.08 -0.93 -16.11
N GLY A 357 15.67 -1.13 -17.30
CA GLY A 357 15.83 -2.45 -17.88
C GLY A 357 15.27 -2.67 -19.27
N SER A 358 15.59 -3.85 -19.84
CA SER A 358 15.23 -4.25 -21.18
C SER A 358 13.84 -4.82 -21.28
N ASN A 359 13.06 -4.29 -22.25
CA ASN A 359 11.69 -4.71 -22.54
C ASN A 359 11.68 -6.20 -22.81
N PRO A 360 10.81 -6.97 -22.11
CA PRO A 360 10.75 -8.43 -22.35
C PRO A 360 10.34 -8.82 -23.77
N ASN A 361 9.52 -7.98 -24.45
CA ASN A 361 9.11 -8.23 -25.83
C ASN A 361 10.26 -7.76 -26.67
N LYS A 362 10.90 -8.70 -27.39
CA LYS A 362 12.09 -8.40 -28.17
C LYS A 362 11.75 -7.94 -29.60
N GLU A 363 10.45 -7.84 -29.93
CA GLU A 363 9.98 -7.34 -31.22
C GLU A 363 9.59 -5.85 -31.04
N THR A 364 10.52 -5.07 -30.47
CA THR A 364 10.40 -3.66 -30.09
C THR A 364 11.73 -2.94 -30.39
N PRO A 365 11.73 -1.58 -30.64
CA PRO A 365 13.00 -0.88 -30.95
C PRO A 365 14.14 -1.29 -30.05
N CYS A 366 15.31 -1.51 -30.65
CA CYS A 366 16.46 -2.06 -29.94
C CYS A 366 17.73 -1.28 -30.15
N LEU A 367 18.22 -0.67 -29.07
CA LEU A 367 19.44 0.11 -29.12
C LEU A 367 20.65 -0.70 -28.75
N GLU A 368 21.64 -0.73 -29.65
CA GLU A 368 22.90 -1.44 -29.45
C GLU A 368 23.97 -0.44 -29.01
N LEU A 369 24.54 -0.64 -27.82
CA LEU A 369 25.55 0.25 -27.25
C LEU A 369 26.82 -0.49 -26.93
N GLU A 370 27.88 0.28 -26.62
CA GLU A 370 29.15 -0.21 -26.10
C GLU A 370 29.56 0.73 -24.96
N PHE A 371 29.92 0.16 -23.81
CA PHE A 371 30.41 0.91 -22.65
C PHE A 371 31.94 0.76 -22.66
N ASP A 372 32.66 1.63 -21.96
CA ASP A 372 34.12 1.54 -21.92
C ASP A 372 34.63 0.31 -21.16
N TRP A 373 35.81 -0.24 -21.58
CA TRP A 373 36.51 -1.38 -20.97
C TRP A 373 37.92 -0.95 -20.55
N PHE A 374 38.09 -0.69 -19.24
CA PHE A 374 39.35 -0.21 -18.68
C PHE A 374 40.33 -1.34 -18.28
N SER A 375 40.64 -2.23 -19.25
CA SER A 375 41.59 -3.36 -19.18
C SER A 375 41.29 -4.44 -18.08
N SER A 376 40.32 -4.18 -17.16
CA SER A 376 39.92 -5.09 -16.09
C SER A 376 38.51 -4.80 -15.55
N VAL A 377 37.99 -5.72 -14.71
CA VAL A 377 36.69 -5.67 -14.04
C VAL A 377 36.70 -4.49 -13.06
N VAL A 378 36.01 -3.41 -13.40
CA VAL A 378 35.96 -2.21 -12.56
C VAL A 378 34.83 -2.38 -11.53
N LYS A 379 35.12 -2.12 -10.23
CA LYS A 379 34.13 -2.27 -9.16
C LYS A 379 34.01 -1.02 -8.27
N PHE A 380 32.79 -0.79 -7.69
CA PHE A 380 32.51 0.34 -6.80
C PHE A 380 33.22 0.08 -5.46
N PRO A 381 33.97 1.07 -4.91
CA PRO A 381 34.75 0.83 -3.70
C PRO A 381 33.96 0.39 -2.48
N ASP A 382 34.66 -0.35 -1.61
CA ASP A 382 34.14 -0.88 -0.36
C ASP A 382 34.02 0.26 0.67
N MET A 383 33.19 0.09 1.72
CA MET A 383 33.01 1.13 2.76
C MET A 383 34.32 1.51 3.47
N SER A 384 35.32 0.60 3.47
CA SER A 384 36.63 0.88 4.06
C SER A 384 37.32 2.00 3.26
N VAL A 385 37.20 1.96 1.91
CA VAL A 385 37.74 2.95 0.98
C VAL A 385 36.90 4.24 1.06
N ILE A 386 35.59 4.12 1.33
CA ILE A 386 34.66 5.25 1.45
C ILE A 386 34.94 6.05 2.74
N GLU A 387 35.08 5.35 3.88
CA GLU A 387 35.42 5.94 5.19
C GLU A 387 36.80 6.56 5.16
N GLU A 388 37.80 5.87 4.55
CA GLU A 388 39.19 6.34 4.41
C GLU A 388 39.33 7.49 3.38
N HIS A 389 38.20 7.99 2.84
CA HIS A 389 38.10 9.09 1.90
C HIS A 389 37.08 10.13 2.44
N ALA A 390 36.58 9.86 3.67
CA ALA A 390 35.64 10.69 4.42
C ALA A 390 36.36 11.28 5.65
N ASN A 391 37.24 10.46 6.30
CA ASN A 391 38.09 10.90 7.41
C ASN A 391 39.18 11.77 6.76
N TRP A 392 39.52 11.46 5.49
CA TRP A 392 40.49 12.14 4.65
C TRP A 392 39.93 13.48 4.18
N SER A 393 38.58 13.60 4.09
CA SER A 393 37.89 14.83 3.75
C SER A 393 37.91 15.74 4.99
N VAL A 394 37.58 15.18 6.18
CA VAL A 394 37.58 15.86 7.47
C VAL A 394 39.02 16.00 7.98
N SER A 401 41.35 27.26 7.75
CA SER A 401 41.38 28.43 8.64
C SER A 401 40.04 29.19 8.65
N TYR A 402 40.03 30.41 9.25
CA TYR A 402 38.87 31.30 9.37
C TYR A 402 38.30 31.67 7.99
N SER A 403 39.18 32.14 7.09
CA SER A 403 38.85 32.58 5.71
C SER A 403 38.95 31.43 4.68
N HIS A 404 39.43 30.24 5.10
CA HIS A 404 39.55 29.05 4.23
C HIS A 404 38.33 28.13 4.36
N ALA A 405 37.65 28.18 5.52
CA ALA A 405 36.42 27.41 5.77
C ALA A 405 35.22 28.18 5.20
N GLY A 406 35.45 29.45 4.83
CA GLY A 406 34.44 30.34 4.29
C GLY A 406 34.61 30.77 2.84
N LEU A 407 35.37 30.02 2.01
CA LEU A 407 35.53 30.32 0.57
C LEU A 407 34.44 29.61 -0.29
N SER A 408 33.58 28.82 0.39
CA SER A 408 32.43 28.10 -0.16
C SER A 408 31.36 27.99 0.94
N ASN A 409 30.08 28.27 0.57
CA ASN A 409 28.92 28.27 1.48
C ASN A 409 28.49 26.85 1.95
N ARG A 410 29.35 25.84 1.73
CA ARG A 410 29.13 24.43 2.06
C ARG A 410 30.02 23.90 3.22
N LEU A 411 30.51 24.83 4.08
CA LEU A 411 31.36 24.53 5.25
C LEU A 411 31.14 25.49 6.43
N ALA A 412 30.76 24.93 7.59
CA ALA A 412 30.56 25.65 8.85
C ALA A 412 31.45 24.98 9.93
N ARG A 413 32.50 25.71 10.37
CA ARG A 413 33.52 25.26 11.33
C ARG A 413 33.04 25.16 12.80
N ASP A 414 33.99 24.83 13.72
CA ASP A 414 33.78 24.73 15.19
C ASP A 414 33.79 26.15 15.76
N ASN A 415 32.76 26.50 16.55
CA ASN A 415 32.47 27.82 17.15
C ASN A 415 31.81 28.69 16.04
N GLU A 416 30.84 28.10 15.29
CA GLU A 416 30.11 28.73 14.17
C GLU A 416 28.59 28.44 14.19
N LEU A 417 28.11 27.53 15.08
CA LEU A 417 26.68 27.20 15.17
C LEU A 417 25.95 28.31 15.96
N ARG A 418 24.99 28.99 15.28
CA ARG A 418 24.19 30.07 15.88
C ARG A 418 22.85 29.53 16.38
N GLU A 419 22.18 30.26 17.33
CA GLU A 419 20.87 29.87 17.87
C GLU A 419 19.74 30.10 16.85
N ASN A 420 19.96 31.01 15.89
CA ASN A 420 19.02 31.29 14.79
C ASN A 420 19.08 30.16 13.77
N ASP A 421 20.29 29.61 13.54
CA ASP A 421 20.60 28.50 12.63
C ASP A 421 19.93 27.22 13.16
N LYS A 422 20.03 26.98 14.49
CA LYS A 422 19.46 25.82 15.19
C LYS A 422 17.93 25.77 15.03
N GLU A 423 17.31 26.96 14.98
CA GLU A 423 15.87 27.14 14.80
C GLU A 423 15.50 27.19 13.32
N GLN A 424 16.44 27.63 12.44
CA GLN A 424 16.25 27.72 10.99
C GLN A 424 16.21 26.31 10.43
N LEU A 425 17.18 25.45 10.83
CA LEU A 425 17.20 24.02 10.45
C LEU A 425 15.94 23.32 10.97
N LYS A 426 15.47 23.69 12.19
CA LYS A 426 14.26 23.18 12.85
C LYS A 426 13.01 23.58 12.03
N ALA A 427 12.98 24.83 11.50
CA ALA A 427 11.88 25.33 10.67
C ALA A 427 11.82 24.58 9.32
N ILE A 428 13.00 24.29 8.72
CA ILE A 428 13.14 23.53 7.47
C ILE A 428 12.57 22.11 7.64
N SER A 429 12.85 21.44 8.78
CA SER A 429 12.39 20.07 9.05
C SER A 429 10.86 19.91 9.06
N THR A 430 10.15 20.97 9.50
CA THR A 430 8.68 21.03 9.60
C THR A 430 7.97 20.97 8.24
N ARG A 431 8.56 21.66 7.24
CA ARG A 431 8.09 21.76 5.85
C ARG A 431 7.73 20.41 5.27
N ASP A 432 6.67 20.37 4.44
CA ASP A 432 6.16 19.15 3.81
C ASP A 432 7.14 18.52 2.78
N PRO A 433 6.97 17.22 2.39
CA PRO A 433 7.89 16.62 1.39
C PRO A 433 7.97 17.34 0.04
N LEU A 434 6.87 18.00 -0.38
CA LEU A 434 6.81 18.70 -1.68
C LEU A 434 7.23 20.16 -1.60
N SER A 435 7.51 20.66 -0.38
CA SER A 435 7.99 22.03 -0.15
C SER A 435 9.41 22.12 -0.72
N GLU A 436 9.58 22.99 -1.72
CA GLU A 436 10.84 23.19 -2.43
C GLU A 436 11.93 23.82 -1.57
N ILE A 437 13.04 23.08 -1.38
CA ILE A 437 14.22 23.56 -0.64
C ILE A 437 14.96 24.49 -1.64
N THR A 438 15.32 25.72 -1.21
CA THR A 438 16.04 26.62 -2.11
C THR A 438 17.52 26.22 -2.15
N GLU A 439 18.27 26.69 -3.17
CA GLU A 439 19.70 26.35 -3.29
C GLU A 439 20.49 26.96 -2.14
N GLN A 440 20.00 28.12 -1.62
CA GLN A 440 20.52 28.82 -0.44
C GLN A 440 20.28 27.89 0.76
N GLU A 441 19.05 27.30 0.84
CA GLU A 441 18.63 26.36 1.89
C GLU A 441 19.37 25.01 1.82
N LYS A 442 19.77 24.57 0.59
CA LYS A 442 20.53 23.34 0.34
C LYS A 442 22.02 23.49 0.78
N ASP A 443 22.64 24.67 0.53
CA ASP A 443 24.01 24.97 0.95
C ASP A 443 24.06 25.04 2.48
N PHE A 444 23.00 25.61 3.08
CA PHE A 444 22.81 25.76 4.52
C PHE A 444 22.65 24.40 5.20
N LEU A 445 21.74 23.54 4.70
CA LEU A 445 21.55 22.20 5.27
C LEU A 445 22.87 21.40 5.20
N TRP A 446 23.57 21.48 4.04
CA TRP A 446 24.83 20.77 3.82
C TRP A 446 25.96 21.26 4.73
N SER A 447 26.15 22.58 4.89
CA SER A 447 27.21 23.11 5.76
C SER A 447 27.00 22.70 7.23
N HIS A 448 25.73 22.59 7.65
CA HIS A 448 25.31 22.25 9.02
C HIS A 448 24.86 20.79 9.21
N ARG A 449 25.31 19.88 8.31
CA ARG A 449 25.05 18.44 8.32
C ARG A 449 25.35 17.73 9.65
N HIS A 450 26.42 18.16 10.33
CA HIS A 450 26.85 17.57 11.58
C HIS A 450 25.96 17.97 12.77
N TYR A 451 25.24 19.11 12.69
CA TYR A 451 24.28 19.48 13.74
C TYR A 451 22.96 18.71 13.56
N CYS A 452 22.57 18.45 12.29
CA CYS A 452 21.34 17.77 11.84
C CYS A 452 20.96 16.52 12.62
N VAL A 453 21.95 15.82 13.20
CA VAL A 453 21.78 14.62 14.02
C VAL A 453 20.86 14.91 15.27
N THR A 454 20.77 16.19 15.72
CA THR A 454 19.94 16.64 16.85
C THR A 454 18.43 16.55 16.54
N ILE A 455 18.05 16.71 15.25
CA ILE A 455 16.68 16.60 14.73
C ILE A 455 16.73 15.64 13.53
N PRO A 456 16.78 14.30 13.78
CA PRO A 456 16.99 13.35 12.67
C PRO A 456 15.97 13.35 11.54
N GLU A 457 14.80 13.94 11.79
CA GLU A 457 13.70 14.08 10.83
C GLU A 457 14.09 14.97 9.61
N ILE A 458 15.19 15.74 9.73
CA ILE A 458 15.71 16.59 8.66
C ILE A 458 16.37 15.78 7.50
N LEU A 459 16.77 14.50 7.76
CA LEU A 459 17.48 13.63 6.80
C LEU A 459 16.96 13.64 5.36
N PRO A 460 15.63 13.55 5.04
CA PRO A 460 15.23 13.51 3.63
C PRO A 460 15.56 14.79 2.86
N LYS A 461 15.53 15.95 3.56
CA LYS A 461 15.82 17.29 3.03
C LYS A 461 17.34 17.46 2.84
N LEU A 462 18.13 16.99 3.83
CA LEU A 462 19.59 17.00 3.85
C LEU A 462 20.15 16.15 2.71
N LEU A 463 19.51 15.00 2.46
CA LEU A 463 19.89 14.07 1.42
C LEU A 463 19.69 14.68 0.05
N LEU A 464 18.70 15.60 -0.09
CA LEU A 464 18.45 16.33 -1.33
C LEU A 464 19.39 17.55 -1.50
N SER A 465 20.13 17.90 -0.42
CA SER A 465 21.10 18.98 -0.41
C SER A 465 22.50 18.48 -0.86
N VAL A 466 22.70 17.15 -0.96
CA VAL A 466 23.97 16.53 -1.39
C VAL A 466 24.14 16.67 -2.91
N LYS A 467 25.37 16.99 -3.34
CA LYS A 467 25.67 17.05 -4.76
C LYS A 467 26.19 15.64 -5.07
N TRP A 468 25.24 14.76 -5.48
CA TRP A 468 25.44 13.33 -5.78
C TRP A 468 26.48 13.07 -6.87
N ASN A 469 26.81 14.11 -7.66
CA ASN A 469 27.80 14.07 -8.73
C ASN A 469 29.24 14.25 -8.20
N SER A 470 29.42 14.41 -6.85
CA SER A 470 30.73 14.56 -6.20
C SER A 470 30.99 13.39 -5.27
N ARG A 471 32.02 12.56 -5.57
CA ARG A 471 32.40 11.41 -4.75
C ARG A 471 32.81 11.82 -3.36
N ASP A 472 33.51 12.97 -3.26
CA ASP A 472 34.01 13.53 -2.00
C ASP A 472 32.83 13.91 -1.10
N GLU A 473 31.78 14.55 -1.68
CA GLU A 473 30.57 14.96 -0.97
C GLU A 473 29.71 13.75 -0.55
N VAL A 474 29.43 12.83 -1.49
CA VAL A 474 28.63 11.61 -1.30
C VAL A 474 29.22 10.73 -0.18
N ALA A 475 30.57 10.53 -0.20
CA ALA A 475 31.30 9.73 0.78
C ALA A 475 31.12 10.27 2.17
N GLN A 476 30.96 11.61 2.30
CA GLN A 476 30.73 12.27 3.57
C GLN A 476 29.35 11.95 4.08
N MET A 477 28.36 11.99 3.16
CA MET A 477 26.95 11.66 3.39
C MET A 477 26.82 10.22 3.87
N TYR A 478 27.55 9.29 3.23
CA TYR A 478 27.60 7.87 3.56
C TYR A 478 27.97 7.63 5.02
N CYS A 479 28.93 8.41 5.55
CA CYS A 479 29.36 8.32 6.95
C CYS A 479 28.33 8.90 7.93
N LEU A 480 27.59 9.94 7.51
CA LEU A 480 26.53 10.56 8.32
C LEU A 480 25.35 9.61 8.42
N VAL A 481 25.04 8.88 7.34
CA VAL A 481 23.96 7.91 7.30
C VAL A 481 24.29 6.71 8.20
N LYS A 482 25.59 6.31 8.25
CA LYS A 482 26.04 5.17 9.04
C LYS A 482 25.67 5.34 10.51
N ASP A 483 25.99 6.50 11.07
CA ASP A 483 25.73 6.84 12.46
C ASP A 483 24.62 7.91 12.48
N TRP A 484 23.47 7.55 11.86
CA TRP A 484 22.31 8.42 11.82
C TRP A 484 21.23 7.84 12.71
N PRO A 485 20.67 8.67 13.63
CA PRO A 485 19.64 8.18 14.55
C PRO A 485 18.39 7.70 13.83
N PRO A 486 17.93 6.46 14.13
CA PRO A 486 16.72 5.97 13.44
C PRO A 486 15.54 6.93 13.62
N ILE A 487 14.72 7.00 12.56
CA ILE A 487 13.52 7.86 12.46
C ILE A 487 12.26 7.02 12.50
N LYS A 488 11.10 7.68 12.61
CA LYS A 488 9.79 7.00 12.65
C LYS A 488 9.61 6.11 11.41
N PRO A 489 8.86 4.99 11.52
CA PRO A 489 8.64 4.15 10.34
C PRO A 489 8.01 4.94 9.19
N GLU A 490 6.97 5.76 9.49
CA GLU A 490 6.29 6.65 8.55
C GLU A 490 7.24 7.67 7.92
N GLN A 491 8.23 8.14 8.70
CA GLN A 491 9.26 9.09 8.28
C GLN A 491 10.28 8.44 7.31
N ALA A 492 10.67 7.19 7.60
CA ALA A 492 11.59 6.38 6.79
C ALA A 492 11.05 6.03 5.40
N MET A 493 9.71 5.84 5.27
CA MET A 493 9.04 5.44 4.02
C MET A 493 9.30 6.40 2.85
N GLU A 494 9.47 7.71 3.13
CA GLU A 494 9.81 8.69 2.10
C GLU A 494 11.15 8.26 1.48
N LEU A 495 12.15 7.88 2.30
CA LEU A 495 13.46 7.42 1.81
C LEU A 495 13.41 6.14 0.93
N LEU A 496 12.22 5.61 0.70
CA LEU A 496 12.03 4.46 -0.17
C LEU A 496 11.37 4.85 -1.50
N ASP A 497 10.95 6.13 -1.65
CA ASP A 497 10.33 6.53 -2.92
C ASP A 497 11.40 6.76 -4.03
N CYS A 498 10.96 7.01 -5.28
CA CYS A 498 11.78 7.21 -6.50
C CYS A 498 12.97 8.18 -6.30
N ASN A 499 12.76 9.21 -5.44
CA ASN A 499 13.68 10.30 -5.08
C ASN A 499 14.96 9.86 -4.40
N TYR A 500 14.94 8.72 -3.73
CA TYR A 500 16.06 8.26 -2.94
C TYR A 500 16.64 6.95 -3.49
N PRO A 501 17.39 6.97 -4.62
CA PRO A 501 17.85 5.71 -5.22
C PRO A 501 19.02 5.01 -4.56
N ASP A 502 19.81 5.76 -3.81
CA ASP A 502 21.04 5.31 -3.17
C ASP A 502 20.82 4.15 -2.20
N PRO A 503 21.62 3.05 -2.33
CA PRO A 503 21.44 1.87 -1.44
C PRO A 503 21.68 2.08 0.04
N MET A 504 22.61 3.00 0.40
CA MET A 504 22.95 3.32 1.78
C MET A 504 21.79 4.04 2.45
N VAL A 505 21.01 4.83 1.67
CA VAL A 505 19.83 5.56 2.16
C VAL A 505 18.67 4.58 2.40
N ARG A 506 18.33 3.79 1.36
CA ARG A 506 17.23 2.82 1.37
C ARG A 506 17.45 1.74 2.41
N GLY A 507 18.70 1.28 2.56
CA GLY A 507 19.13 0.30 3.55
C GLY A 507 18.87 0.75 4.97
N PHE A 508 19.04 2.07 5.22
CA PHE A 508 18.79 2.71 6.50
C PHE A 508 17.26 2.75 6.76
N ALA A 509 16.47 3.09 5.72
CA ALA A 509 15.01 3.15 5.83
C ALA A 509 14.43 1.79 6.22
N VAL A 510 14.89 0.72 5.54
CA VAL A 510 14.49 -0.67 5.80
C VAL A 510 14.85 -1.06 7.24
N ARG A 511 16.01 -0.57 7.73
CA ARG A 511 16.51 -0.77 9.08
C ARG A 511 15.55 -0.16 10.16
N CYS A 512 14.90 0.98 9.87
CA CYS A 512 13.90 1.63 10.74
C CYS A 512 12.60 0.82 10.77
N LEU A 513 12.15 0.31 9.61
CA LEU A 513 10.94 -0.49 9.48
C LEU A 513 11.15 -1.84 10.15
N GLU A 514 12.36 -2.44 9.95
CA GLU A 514 12.79 -3.72 10.52
C GLU A 514 12.71 -3.70 12.04
N LYS A 515 12.93 -2.51 12.66
CA LYS A 515 12.98 -2.23 14.09
C LYS A 515 11.67 -1.64 14.67
N TYR A 516 11.21 -0.48 14.17
CA TYR A 516 10.05 0.25 14.69
C TYR A 516 8.68 -0.05 14.06
N LEU A 517 8.62 -0.72 12.88
CA LEU A 517 7.34 -0.99 12.21
C LEU A 517 6.60 -2.23 12.71
N THR A 518 5.40 -2.01 13.31
CA THR A 518 4.53 -3.11 13.77
C THR A 518 3.86 -3.83 12.60
N ASP A 519 3.43 -5.07 12.84
CA ASP A 519 2.79 -5.87 11.82
C ASP A 519 1.41 -5.31 11.45
N ASP A 520 0.81 -4.51 12.35
CA ASP A 520 -0.47 -3.81 12.11
C ASP A 520 -0.18 -2.70 11.10
N LYS A 521 0.93 -1.97 11.29
CA LYS A 521 1.33 -0.88 10.42
C LYS A 521 1.87 -1.39 9.09
N LEU A 522 2.60 -2.52 9.07
CA LEU A 522 3.07 -3.14 7.82
C LEU A 522 1.85 -3.55 7.03
N SER A 523 0.84 -4.20 7.64
CA SER A 523 -0.43 -4.48 6.95
C SER A 523 -1.10 -3.19 6.45
N GLN A 524 -1.10 -2.12 7.27
CA GLN A 524 -1.70 -0.83 6.91
C GLN A 524 -1.09 -0.24 5.63
N TYR A 525 0.25 -0.13 5.58
CA TYR A 525 1.05 0.46 4.50
C TYR A 525 1.64 -0.54 3.48
N LEU A 526 1.23 -1.82 3.51
CA LEU A 526 1.73 -2.86 2.60
C LEU A 526 1.70 -2.46 1.11
N ILE A 527 0.57 -1.91 0.56
CA ILE A 527 0.57 -1.50 -0.87
C ILE A 527 1.73 -0.56 -1.24
N GLN A 528 2.01 0.49 -0.43
CA GLN A 528 3.08 1.41 -0.69
C GLN A 528 4.41 0.66 -0.71
N LEU A 529 4.65 -0.18 0.31
CA LEU A 529 5.83 -1.01 0.46
C LEU A 529 6.01 -2.00 -0.70
N VAL A 530 4.93 -2.55 -1.25
CA VAL A 530 4.96 -3.41 -2.45
C VAL A 530 5.31 -2.54 -3.71
N GLN A 531 4.80 -1.33 -3.78
CA GLN A 531 5.01 -0.42 -4.89
C GLN A 531 6.42 0.09 -5.00
N VAL A 532 6.99 0.60 -3.90
CA VAL A 532 8.35 1.16 -3.87
C VAL A 532 9.42 0.15 -4.28
N LEU A 533 9.06 -1.15 -4.28
CA LEU A 533 9.90 -2.27 -4.69
C LEU A 533 10.31 -2.10 -6.15
N LYS A 534 9.48 -1.45 -6.95
CA LYS A 534 9.73 -1.24 -8.37
C LYS A 534 10.80 -0.17 -8.58
N TYR A 535 11.18 0.56 -7.50
CA TYR A 535 12.17 1.63 -7.51
C TYR A 535 13.51 1.13 -7.05
N GLU A 536 13.62 -0.20 -6.89
CA GLU A 536 14.84 -0.84 -6.48
C GLU A 536 15.69 -1.12 -7.70
N GLN A 537 16.99 -0.81 -7.63
CA GLN A 537 17.91 -1.05 -8.73
C GLN A 537 18.03 -2.55 -9.12
N TYR A 538 18.07 -3.42 -8.09
CA TYR A 538 18.26 -4.86 -8.24
C TYR A 538 17.14 -5.72 -7.70
N LEU A 539 17.09 -6.99 -8.13
CA LEU A 539 16.09 -7.96 -7.68
C LEU A 539 16.35 -8.34 -6.21
N ASP A 540 17.64 -8.46 -5.81
CA ASP A 540 18.02 -8.81 -4.45
C ASP A 540 18.45 -7.52 -3.72
N ASN A 541 17.61 -7.10 -2.76
CA ASN A 541 17.78 -5.91 -1.92
C ASN A 541 17.24 -6.10 -0.48
N LEU A 542 17.54 -5.14 0.40
CA LEU A 542 17.12 -5.21 1.80
C LEU A 542 15.60 -5.07 1.99
N LEU A 543 14.91 -4.38 1.06
CA LEU A 543 13.45 -4.22 1.11
C LEU A 543 12.77 -5.50 0.80
N VAL A 544 13.12 -6.14 -0.35
CA VAL A 544 12.52 -7.40 -0.78
C VAL A 544 12.67 -8.46 0.34
N ARG A 545 13.86 -8.58 0.93
CA ARG A 545 14.14 -9.50 2.03
C ARG A 545 13.33 -9.19 3.26
N PHE A 546 13.16 -7.90 3.59
CA PHE A 546 12.38 -7.49 4.75
C PHE A 546 10.93 -7.98 4.59
N LEU A 547 10.31 -7.59 3.45
CA LEU A 547 8.93 -7.90 3.08
C LEU A 547 8.62 -9.36 2.93
N LEU A 548 9.52 -10.14 2.32
CA LEU A 548 9.30 -11.56 2.17
C LEU A 548 9.33 -12.25 3.55
N LYS A 549 10.29 -11.87 4.45
CA LYS A 549 10.39 -12.42 5.80
C LYS A 549 9.08 -12.20 6.55
N LYS A 550 8.54 -10.99 6.52
CA LYS A 550 7.27 -10.66 7.16
C LYS A 550 6.11 -11.46 6.54
N ALA A 551 6.07 -11.58 5.17
CA ALA A 551 5.06 -12.36 4.46
C ALA A 551 5.11 -13.81 4.87
N LEU A 552 6.32 -14.35 5.17
CA LEU A 552 6.54 -15.76 5.48
C LEU A 552 6.47 -16.10 6.97
N THR A 553 6.31 -15.07 7.84
CA THR A 553 6.21 -15.28 9.29
C THR A 553 4.79 -14.84 9.81
N ASN A 554 3.98 -14.26 8.91
CA ASN A 554 2.61 -13.79 9.18
C ASN A 554 1.76 -14.11 7.96
N GLN A 555 0.80 -14.99 8.12
CA GLN A 555 -0.03 -15.35 6.97
C GLN A 555 -1.08 -14.29 6.61
N ARG A 556 -1.36 -13.32 7.52
CA ARG A 556 -2.31 -12.22 7.24
C ARG A 556 -1.64 -11.20 6.27
N ILE A 557 -0.33 -10.95 6.48
CA ILE A 557 0.54 -10.09 5.68
C ILE A 557 0.82 -10.88 4.40
N GLY A 558 1.14 -12.15 4.56
CA GLY A 558 1.46 -13.05 3.46
C GLY A 558 0.41 -13.08 2.39
N HIS A 559 -0.87 -13.15 2.79
CA HIS A 559 -2.06 -13.16 1.90
C HIS A 559 -2.08 -11.96 0.97
N PHE A 560 -1.97 -10.76 1.54
CA PHE A 560 -2.01 -9.54 0.78
C PHE A 560 -0.73 -9.31 -0.03
N PHE A 561 0.45 -9.71 0.45
CA PHE A 561 1.72 -9.66 -0.31
C PHE A 561 1.48 -10.43 -1.61
N PHE A 562 1.03 -11.72 -1.52
CA PHE A 562 0.68 -12.53 -2.69
C PHE A 562 -0.29 -11.81 -3.65
N TRP A 563 -1.46 -11.36 -3.14
CA TRP A 563 -2.46 -10.73 -4.00
C TRP A 563 -2.04 -9.40 -4.58
N HIS A 564 -1.26 -8.58 -3.87
CA HIS A 564 -0.78 -7.30 -4.37
C HIS A 564 0.25 -7.49 -5.50
N LEU A 565 1.01 -8.56 -5.41
CA LEU A 565 2.01 -8.96 -6.39
C LEU A 565 1.32 -9.69 -7.55
N LYS A 566 0.31 -10.58 -7.28
CA LYS A 566 -0.39 -11.30 -8.36
C LYS A 566 -1.18 -10.41 -9.22
N SER A 567 -1.89 -9.43 -8.62
CA SER A 567 -2.71 -8.50 -9.37
C SER A 567 -1.95 -7.71 -10.47
N GLU A 568 -0.61 -7.67 -10.45
CA GLU A 568 0.20 -6.95 -11.44
C GLU A 568 1.01 -7.84 -12.40
N MET A 569 0.72 -9.16 -12.46
CA MET A 569 1.49 -10.11 -13.28
C MET A 569 1.31 -9.95 -14.78
N HIS A 570 0.29 -9.19 -15.17
CA HIS A 570 -0.15 -8.85 -16.52
C HIS A 570 0.68 -7.66 -17.03
N ASN A 571 1.39 -6.98 -16.11
CA ASN A 571 2.21 -5.80 -16.32
C ASN A 571 3.66 -6.24 -16.52
N LYS A 572 4.07 -6.40 -17.79
CA LYS A 572 5.39 -6.90 -18.19
C LYS A 572 6.57 -6.06 -17.67
N THR A 573 6.32 -4.80 -17.29
CA THR A 573 7.32 -3.90 -16.71
C THR A 573 7.80 -4.49 -15.40
N VAL A 574 6.89 -5.17 -14.64
CA VAL A 574 7.16 -5.75 -13.32
C VAL A 574 7.07 -7.28 -13.23
N SER A 575 6.40 -7.98 -14.19
CA SER A 575 6.14 -9.43 -14.12
C SER A 575 7.36 -10.32 -13.78
N GLN A 576 8.60 -9.95 -14.16
CA GLN A 576 9.77 -10.76 -13.83
C GLN A 576 10.14 -10.61 -12.37
N ARG A 577 10.19 -9.37 -11.87
CA ARG A 577 10.51 -9.14 -10.46
C ARG A 577 9.47 -9.84 -9.58
N PHE A 578 8.21 -9.53 -9.82
CA PHE A 578 7.06 -10.05 -9.11
C PHE A 578 6.90 -11.59 -9.24
N GLY A 579 7.09 -12.13 -10.45
CA GLY A 579 7.03 -13.57 -10.72
C GLY A 579 8.04 -14.31 -9.87
N LEU A 580 9.31 -13.80 -9.84
CA LEU A 580 10.39 -14.40 -9.05
C LEU A 580 10.13 -14.26 -7.55
N LEU A 581 9.57 -13.14 -7.14
CA LEU A 581 9.25 -12.89 -5.73
C LEU A 581 8.13 -13.84 -5.29
N LEU A 582 7.07 -14.05 -6.15
CA LEU A 582 5.97 -14.99 -5.91
C LEU A 582 6.52 -16.45 -5.91
N GLU A 583 7.44 -16.81 -6.86
CA GLU A 583 8.08 -18.14 -6.83
C GLU A 583 8.71 -18.44 -5.44
N SER A 584 9.59 -17.55 -4.95
CA SER A 584 10.24 -17.69 -3.64
C SER A 584 9.20 -17.79 -2.51
N TYR A 585 8.14 -16.96 -2.56
CA TYR A 585 7.07 -16.97 -1.57
C TYR A 585 6.33 -18.30 -1.53
N CYS A 586 5.86 -18.78 -2.71
CA CYS A 586 5.08 -20.01 -2.86
C CYS A 586 5.86 -21.27 -2.41
N ARG A 587 7.19 -21.29 -2.57
CA ARG A 587 8.01 -22.41 -2.06
C ARG A 587 8.01 -22.51 -0.53
N ALA A 588 7.91 -21.38 0.19
CA ALA A 588 8.01 -21.41 1.64
C ALA A 588 6.77 -21.01 2.43
N CYS A 589 5.63 -20.62 1.81
CA CYS A 589 4.45 -20.27 2.60
C CYS A 589 3.82 -21.48 3.28
N GLY A 590 3.95 -22.64 2.67
CA GLY A 590 3.46 -23.86 3.27
C GLY A 590 2.11 -24.27 2.76
N MET A 591 1.21 -24.58 3.68
CA MET A 591 -0.14 -25.06 3.40
C MET A 591 -1.01 -24.04 2.75
N TYR A 592 -0.78 -22.76 3.08
CA TYR A 592 -1.52 -21.66 2.48
C TYR A 592 -1.56 -21.69 0.98
N LEU A 593 -0.49 -22.21 0.32
CA LEU A 593 -0.46 -22.31 -1.14
C LEU A 593 -1.67 -23.01 -1.72
N LYS A 594 -2.14 -24.08 -1.07
CA LYS A 594 -3.30 -24.86 -1.52
C LYS A 594 -4.58 -24.06 -1.42
N HIS A 595 -4.69 -23.19 -0.41
CA HIS A 595 -5.80 -22.26 -0.19
C HIS A 595 -5.75 -21.09 -1.16
N LEU A 596 -4.53 -20.52 -1.43
CA LEU A 596 -4.40 -19.43 -2.41
C LEU A 596 -4.79 -19.99 -3.79
N ASN A 597 -4.36 -21.24 -4.12
CA ASN A 597 -4.72 -21.83 -5.40
C ASN A 597 -6.22 -21.94 -5.63
N ARG A 598 -7.00 -22.33 -4.59
CA ARG A 598 -8.46 -22.42 -4.58
C ARG A 598 -9.06 -21.03 -4.96
N GLN A 599 -8.64 -19.94 -4.21
CA GLN A 599 -9.03 -18.53 -4.47
C GLN A 599 -8.67 -18.17 -5.93
N VAL A 600 -7.44 -18.51 -6.39
CA VAL A 600 -6.97 -18.25 -7.74
C VAL A 600 -7.90 -18.86 -8.77
N GLU A 601 -8.31 -20.15 -8.57
CA GLU A 601 -9.24 -20.84 -9.46
C GLU A 601 -10.63 -20.21 -9.41
N ALA A 602 -11.11 -19.81 -8.21
CA ALA A 602 -12.40 -19.15 -8.01
C ALA A 602 -12.46 -17.85 -8.80
N MET A 603 -11.43 -17.00 -8.69
CA MET A 603 -11.32 -15.71 -9.39
C MET A 603 -11.29 -15.91 -10.87
N GLU A 604 -10.57 -16.96 -11.34
CA GLU A 604 -10.46 -17.32 -12.76
C GLU A 604 -11.82 -17.50 -13.35
N LYS A 605 -12.65 -18.37 -12.71
CA LYS A 605 -14.01 -18.72 -13.15
C LYS A 605 -14.96 -17.51 -13.15
N LEU A 606 -14.72 -16.52 -12.32
CA LEU A 606 -15.52 -15.33 -12.28
C LEU A 606 -15.05 -14.39 -13.38
N ILE A 607 -13.80 -14.48 -13.78
CA ILE A 607 -13.28 -13.61 -14.83
C ILE A 607 -13.77 -14.17 -16.13
N ASN A 608 -13.59 -15.49 -16.36
CA ASN A 608 -14.06 -16.13 -17.60
C ASN A 608 -15.55 -15.98 -17.79
N LEU A 609 -16.33 -16.02 -16.69
CA LEU A 609 -17.80 -15.86 -16.73
C LEU A 609 -18.18 -14.41 -16.97
N THR A 610 -17.65 -13.45 -16.16
CA THR A 610 -17.98 -12.04 -16.35
C THR A 610 -17.50 -11.55 -17.74
N ASP A 611 -16.46 -12.21 -18.33
CA ASP A 611 -16.01 -11.87 -19.67
C ASP A 611 -17.07 -12.26 -20.67
N ILE A 612 -17.61 -13.49 -20.56
CA ILE A 612 -18.65 -13.97 -21.48
C ILE A 612 -19.87 -13.07 -21.47
N LEU A 613 -20.35 -12.70 -20.27
CA LEU A 613 -21.47 -11.78 -20.09
C LEU A 613 -21.24 -10.41 -20.80
N LYS A 614 -20.06 -9.80 -20.60
CA LYS A 614 -19.63 -8.50 -21.15
C LYS A 614 -19.47 -8.52 -22.67
N GLN A 615 -18.90 -9.61 -23.22
CA GLN A 615 -18.59 -9.73 -24.64
C GLN A 615 -19.70 -10.27 -25.49
N GLU A 616 -20.39 -11.32 -25.00
CA GLU A 616 -21.44 -12.01 -25.76
C GLU A 616 -22.91 -11.65 -25.41
N LYS A 617 -23.20 -11.39 -24.13
CA LYS A 617 -24.58 -11.22 -23.63
C LYS A 617 -24.96 -9.83 -23.04
N LYS A 618 -24.07 -8.80 -23.14
CA LYS A 618 -24.29 -7.41 -22.68
C LYS A 618 -25.59 -6.76 -23.22
N ASP A 619 -25.98 -7.10 -24.46
CA ASP A 619 -27.15 -6.51 -25.09
C ASP A 619 -28.44 -7.28 -24.80
N GLU A 620 -28.49 -8.05 -23.71
CA GLU A 620 -29.72 -8.80 -23.43
C GLU A 620 -30.37 -8.31 -22.14
N THR A 621 -31.61 -8.78 -21.90
CA THR A 621 -32.42 -8.44 -20.74
C THR A 621 -31.83 -9.07 -19.51
N GLN A 622 -32.14 -8.45 -18.36
CA GLN A 622 -31.71 -8.94 -17.07
C GLN A 622 -32.17 -10.41 -16.98
N LYS A 623 -33.44 -10.72 -17.30
CA LYS A 623 -33.98 -12.08 -17.30
C LYS A 623 -33.13 -13.10 -18.11
N VAL A 624 -32.78 -12.74 -19.37
CA VAL A 624 -31.96 -13.58 -20.26
C VAL A 624 -30.57 -13.78 -19.69
N GLN A 625 -29.91 -12.67 -19.28
CA GLN A 625 -28.56 -12.66 -18.68
C GLN A 625 -28.50 -13.48 -17.41
N MET A 626 -29.55 -13.38 -16.58
CA MET A 626 -29.65 -14.11 -15.32
C MET A 626 -29.81 -15.60 -15.61
N LYS A 627 -30.70 -15.98 -16.58
CA LYS A 627 -30.89 -17.36 -17.04
C LYS A 627 -29.53 -18.00 -17.36
N PHE A 628 -28.71 -17.29 -18.17
CA PHE A 628 -27.38 -17.72 -18.55
C PHE A 628 -26.48 -17.82 -17.34
N LEU A 629 -26.50 -16.79 -16.47
CA LEU A 629 -25.63 -16.76 -15.29
C LEU A 629 -25.84 -18.00 -14.44
N VAL A 630 -27.12 -18.29 -14.08
CA VAL A 630 -27.58 -19.43 -13.31
C VAL A 630 -27.17 -20.78 -13.98
N GLU A 631 -27.32 -20.89 -15.32
CA GLU A 631 -26.97 -22.10 -16.09
C GLU A 631 -25.50 -22.37 -16.00
N GLN A 632 -24.68 -21.31 -16.22
CA GLN A 632 -23.19 -21.30 -16.19
C GLN A 632 -22.57 -21.59 -14.81
N MET A 633 -23.22 -21.11 -13.73
CA MET A 633 -22.86 -21.29 -12.33
C MET A 633 -23.18 -22.67 -11.80
N ARG A 634 -24.22 -23.32 -12.33
CA ARG A 634 -24.70 -24.65 -11.92
C ARG A 634 -23.87 -25.79 -12.48
N ARG A 635 -22.99 -25.50 -13.46
CA ARG A 635 -22.11 -26.49 -14.11
C ARG A 635 -21.11 -27.08 -13.11
N PRO A 636 -20.90 -28.43 -13.08
CA PRO A 636 -20.05 -29.03 -12.04
C PRO A 636 -18.66 -28.42 -11.87
N ASP A 637 -17.90 -28.21 -12.97
CA ASP A 637 -16.56 -27.62 -12.92
C ASP A 637 -16.56 -26.28 -12.18
N PHE A 638 -17.65 -25.49 -12.36
CA PHE A 638 -17.88 -24.19 -11.75
C PHE A 638 -18.19 -24.32 -10.25
N MET A 639 -19.27 -25.02 -9.90
CA MET A 639 -19.71 -25.27 -8.53
C MET A 639 -18.58 -25.75 -7.60
N ASP A 640 -17.66 -26.57 -8.13
CA ASP A 640 -16.54 -27.09 -7.38
C ASP A 640 -15.59 -25.95 -7.02
N ALA A 641 -15.20 -25.13 -8.01
CA ALA A 641 -14.27 -24.02 -7.86
C ALA A 641 -14.79 -22.87 -7.04
N LEU A 642 -16.11 -22.65 -7.01
CA LEU A 642 -16.62 -21.44 -6.38
C LEU A 642 -17.30 -21.63 -5.03
N GLN A 643 -17.02 -22.76 -4.39
CA GLN A 643 -17.52 -22.95 -3.04
C GLN A 643 -16.53 -23.74 -2.20
N GLY A 644 -16.28 -23.25 -0.99
CA GLY A 644 -15.35 -23.88 -0.08
C GLY A 644 -13.96 -23.37 -0.30
N PHE A 645 -13.78 -22.04 -0.12
CA PHE A 645 -12.53 -21.30 -0.24
C PHE A 645 -12.57 -20.08 0.68
N LEU A 646 -11.45 -19.35 0.79
CA LEU A 646 -11.34 -18.21 1.70
C LEU A 646 -11.49 -16.91 0.95
N SER A 647 -12.19 -15.92 1.52
CA SER A 647 -12.40 -14.64 0.87
C SER A 647 -11.08 -13.95 0.59
N PRO A 648 -10.70 -13.64 -0.67
CA PRO A 648 -9.44 -12.89 -0.87
C PRO A 648 -9.52 -11.52 -0.15
N LEU A 649 -10.73 -11.02 0.11
CA LEU A 649 -10.90 -9.75 0.81
C LEU A 649 -10.47 -9.80 2.27
N ASN A 650 -10.81 -10.88 2.97
CA ASN A 650 -10.42 -11.15 4.36
C ASN A 650 -10.32 -12.64 4.49
N PRO A 651 -9.14 -13.26 4.41
CA PRO A 651 -9.08 -14.74 4.43
C PRO A 651 -9.49 -15.44 5.72
N ALA A 652 -9.99 -14.68 6.71
CA ALA A 652 -10.48 -15.20 7.99
C ALA A 652 -11.92 -15.51 7.77
N HIS A 653 -12.43 -15.19 6.56
CA HIS A 653 -13.78 -15.47 6.13
C HIS A 653 -13.88 -16.69 5.26
N GLN A 654 -14.55 -17.74 5.76
CA GLN A 654 -14.81 -18.93 4.97
C GLN A 654 -16.02 -18.68 4.11
N LEU A 655 -15.92 -19.15 2.89
CA LEU A 655 -16.96 -18.99 1.91
C LEU A 655 -17.41 -20.40 1.65
N GLY A 656 -18.57 -20.71 2.23
CA GLY A 656 -19.19 -22.02 2.11
C GLY A 656 -19.81 -22.24 0.76
N ASN A 657 -21.05 -22.71 0.75
CA ASN A 657 -21.78 -22.95 -0.49
C ASN A 657 -22.38 -21.66 -1.03
N LEU A 658 -22.49 -21.58 -2.37
CA LEU A 658 -23.08 -20.45 -3.08
C LEU A 658 -24.56 -20.50 -2.84
N ARG A 659 -25.16 -19.32 -2.72
CA ARG A 659 -26.60 -19.09 -2.56
C ARG A 659 -27.01 -18.47 -3.88
N LEU A 660 -27.12 -19.30 -4.93
CA LEU A 660 -27.42 -18.89 -6.31
C LEU A 660 -28.69 -18.04 -6.47
N GLU A 661 -29.67 -18.26 -5.56
CA GLU A 661 -30.94 -17.54 -5.50
C GLU A 661 -30.73 -16.09 -5.07
N GLU A 662 -29.58 -15.82 -4.45
CA GLU A 662 -29.14 -14.51 -3.96
C GLU A 662 -28.03 -13.91 -4.81
N CYS A 663 -27.56 -14.64 -5.83
CA CYS A 663 -26.54 -14.17 -6.76
C CYS A 663 -27.25 -13.53 -7.94
N ARG A 664 -26.97 -12.24 -8.18
CA ARG A 664 -27.60 -11.43 -9.23
C ARG A 664 -26.57 -10.56 -9.90
N ILE A 665 -26.87 -10.17 -11.16
CA ILE A 665 -26.07 -9.23 -11.96
C ILE A 665 -26.62 -7.84 -11.60
N MET A 666 -25.76 -6.98 -11.04
CA MET A 666 -26.13 -5.63 -10.61
C MET A 666 -26.35 -4.69 -11.76
N SER A 667 -27.41 -3.85 -11.69
CA SER A 667 -27.78 -2.85 -12.70
C SER A 667 -26.68 -1.77 -12.95
N SER A 668 -25.69 -1.69 -12.02
CA SER A 668 -24.49 -0.83 -12.03
C SER A 668 -23.66 -0.95 -13.33
N ALA A 669 -22.71 -0.02 -13.51
CA ALA A 669 -21.86 0.02 -14.70
C ALA A 669 -20.76 -1.01 -14.58
N LYS A 670 -20.55 -1.75 -15.71
CA LYS A 670 -19.64 -2.90 -15.94
C LYS A 670 -20.36 -4.18 -15.47
N ARG A 671 -21.67 -4.00 -15.10
CA ARG A 671 -22.70 -4.93 -14.61
C ARG A 671 -22.09 -5.99 -13.67
N PRO A 672 -21.58 -5.53 -12.48
CA PRO A 672 -20.92 -6.46 -11.54
C PRO A 672 -21.82 -7.55 -10.99
N LEU A 673 -21.19 -8.64 -10.50
CA LEU A 673 -21.90 -9.77 -9.91
C LEU A 673 -21.97 -9.56 -8.42
N TRP A 674 -23.17 -9.65 -7.87
CA TRP A 674 -23.39 -9.64 -6.42
C TRP A 674 -23.34 -11.13 -6.11
N LEU A 675 -22.45 -11.56 -5.21
CA LEU A 675 -22.32 -12.97 -4.88
C LEU A 675 -22.61 -13.23 -3.41
N ASN A 676 -23.39 -14.28 -3.12
CA ASN A 676 -23.78 -14.66 -1.75
C ASN A 676 -23.36 -16.08 -1.43
N TRP A 677 -22.62 -16.26 -0.33
CA TRP A 677 -22.16 -17.57 0.15
C TRP A 677 -22.63 -17.76 1.55
N GLU A 678 -22.86 -19.01 1.93
CA GLU A 678 -23.20 -19.36 3.29
C GLU A 678 -21.93 -19.26 4.13
N ASN A 679 -22.05 -18.98 5.45
CA ASN A 679 -20.88 -18.95 6.33
C ASN A 679 -20.89 -20.29 7.08
N PRO A 680 -19.91 -21.17 6.76
CA PRO A 680 -19.88 -22.49 7.40
C PRO A 680 -19.46 -22.55 8.88
N ASP A 681 -19.14 -21.40 9.54
CA ASP A 681 -18.79 -21.34 10.97
C ASP A 681 -19.99 -21.80 11.77
N ILE A 682 -19.76 -22.47 12.93
CA ILE A 682 -20.86 -22.96 13.77
C ILE A 682 -21.64 -21.80 14.43
N MET A 683 -20.93 -20.67 14.63
CA MET A 683 -21.42 -19.44 15.24
C MET A 683 -21.61 -18.33 14.20
N SER A 684 -21.94 -18.72 12.93
CA SER A 684 -22.17 -17.82 11.79
C SER A 684 -23.21 -16.78 12.16
N GLU A 685 -24.31 -17.23 12.78
CA GLU A 685 -25.43 -16.39 13.25
C GLU A 685 -25.03 -15.23 14.23
N LEU A 686 -23.82 -15.29 14.84
CA LEU A 686 -23.37 -14.26 15.77
C LEU A 686 -22.43 -13.25 15.09
N LEU A 687 -22.27 -13.38 13.76
CA LEU A 687 -21.46 -12.45 12.97
C LEU A 687 -22.28 -11.97 11.77
N PHE A 688 -22.49 -12.87 10.80
CA PHE A 688 -23.30 -12.76 9.59
C PHE A 688 -23.42 -14.17 9.09
N GLN A 689 -24.65 -14.60 8.77
CA GLN A 689 -24.87 -15.97 8.34
C GLN A 689 -24.50 -16.19 6.87
N ASN A 690 -24.47 -15.09 6.09
CA ASN A 690 -24.15 -15.07 4.67
C ASN A 690 -23.14 -13.96 4.31
N ASN A 691 -22.12 -14.33 3.51
CA ASN A 691 -21.05 -13.46 3.02
C ASN A 691 -21.40 -12.92 1.65
N GLU A 692 -21.49 -11.60 1.54
CA GLU A 692 -21.83 -10.94 0.28
C GLU A 692 -20.65 -10.09 -0.17
N ILE A 693 -20.09 -10.45 -1.33
CA ILE A 693 -18.97 -9.82 -2.02
C ILE A 693 -19.53 -9.42 -3.39
N ILE A 694 -19.01 -8.30 -3.97
CA ILE A 694 -19.38 -7.80 -5.31
C ILE A 694 -18.13 -8.04 -6.16
N PHE A 695 -18.28 -8.70 -7.31
CA PHE A 695 -17.21 -8.99 -8.23
C PHE A 695 -17.34 -8.02 -9.41
N LYS A 696 -16.34 -7.14 -9.58
CA LYS A 696 -16.31 -6.16 -10.66
C LYS A 696 -15.25 -6.51 -11.69
N ASN A 697 -15.59 -6.43 -12.95
CA ASN A 697 -14.69 -6.69 -14.07
C ASN A 697 -14.91 -5.52 -15.02
N GLY A 698 -13.83 -4.77 -15.29
CA GLY A 698 -13.89 -3.60 -16.16
C GLY A 698 -13.22 -2.34 -15.66
N ASP A 699 -13.24 -2.08 -14.34
CA ASP A 699 -12.62 -0.90 -13.72
C ASP A 699 -11.37 -1.23 -12.93
N ASP A 700 -10.38 -0.30 -13.01
CA ASP A 700 -9.13 -0.36 -12.26
C ASP A 700 -9.52 -0.03 -10.82
N LEU A 701 -9.47 -1.04 -9.91
CA LEU A 701 -9.87 -0.84 -8.53
C LEU A 701 -8.79 -0.25 -7.63
N ARG A 702 -7.63 0.07 -8.21
CA ARG A 702 -6.47 0.60 -7.51
C ARG A 702 -6.67 1.99 -6.87
N GLN A 703 -7.36 2.90 -7.54
CA GLN A 703 -7.64 4.22 -6.97
C GLN A 703 -8.56 4.03 -5.75
N ASP A 704 -9.56 3.11 -5.85
CA ASP A 704 -10.49 2.88 -4.75
C ASP A 704 -9.81 2.22 -3.55
N MET A 705 -8.77 1.42 -3.78
CA MET A 705 -7.99 0.84 -2.71
C MET A 705 -7.25 1.94 -1.96
N LEU A 706 -6.60 2.86 -2.68
CA LEU A 706 -5.84 3.96 -2.07
C LEU A 706 -6.71 4.94 -1.29
N THR A 707 -7.89 5.29 -1.84
CA THR A 707 -8.80 6.23 -1.20
C THR A 707 -9.29 5.66 0.11
N LEU A 708 -9.73 4.38 0.08
CA LEU A 708 -10.28 3.62 1.19
C LEU A 708 -9.27 3.41 2.29
N GLN A 709 -7.96 3.23 1.92
CA GLN A 709 -6.82 3.12 2.82
C GLN A 709 -6.65 4.48 3.54
N ILE A 710 -6.59 5.61 2.77
CA ILE A 710 -6.47 6.98 3.29
C ILE A 710 -7.66 7.30 4.24
N ILE A 711 -8.89 6.86 3.89
CA ILE A 711 -10.07 7.11 4.73
C ILE A 711 -9.86 6.46 6.12
N ARG A 712 -9.33 5.19 6.14
CA ARG A 712 -9.07 4.42 7.37
C ARG A 712 -8.06 5.10 8.24
N ILE A 713 -7.01 5.69 7.62
CA ILE A 713 -5.92 6.43 8.27
C ILE A 713 -6.45 7.76 8.89
N MET A 714 -7.19 8.55 8.10
CA MET A 714 -7.82 9.79 8.56
C MET A 714 -8.71 9.49 9.78
N GLU A 715 -9.51 8.38 9.69
CA GLU A 715 -10.42 7.93 10.76
C GLU A 715 -9.66 7.59 12.03
N ASN A 716 -8.55 6.81 11.91
CA ASN A 716 -7.69 6.40 13.04
C ASN A 716 -7.04 7.63 13.73
N ILE A 717 -6.69 8.68 12.94
CA ILE A 717 -6.12 9.95 13.44
C ILE A 717 -7.16 10.63 14.33
N TRP A 718 -8.38 10.84 13.80
CA TRP A 718 -9.48 11.47 14.52
C TRP A 718 -9.83 10.69 15.81
N GLN A 719 -9.90 9.35 15.71
CA GLN A 719 -10.19 8.45 16.83
C GLN A 719 -9.08 8.50 17.93
N ASN A 720 -7.83 8.89 17.58
CA ASN A 720 -6.71 9.01 18.55
C ASN A 720 -6.57 10.43 19.15
N GLN A 721 -7.48 11.36 18.78
CA GLN A 721 -7.52 12.75 19.23
C GLN A 721 -8.80 13.06 20.00
N GLY A 722 -9.71 12.08 20.06
CA GLY A 722 -11.00 12.20 20.74
C GLY A 722 -12.18 12.63 19.87
N LEU A 723 -12.09 12.38 18.54
CA LEU A 723 -13.14 12.71 17.57
C LEU A 723 -13.81 11.44 17.10
N ASP A 724 -15.03 11.15 17.61
CA ASP A 724 -15.77 9.95 17.18
C ASP A 724 -16.46 10.19 15.80
N LEU A 725 -15.64 10.55 14.77
CA LEU A 725 -16.14 10.77 13.42
C LEU A 725 -15.96 9.46 12.69
N ARG A 726 -17.02 8.61 12.73
CA ARG A 726 -17.04 7.26 12.16
C ARG A 726 -17.09 7.18 10.62
N MET A 727 -16.06 6.53 10.07
CA MET A 727 -15.90 6.29 8.63
C MET A 727 -16.18 4.84 8.30
N LEU A 728 -16.45 4.57 7.03
CA LEU A 728 -16.67 3.22 6.58
C LEU A 728 -15.68 2.87 5.46
N PRO A 729 -14.41 2.54 5.84
CA PRO A 729 -13.44 2.14 4.81
C PRO A 729 -13.74 0.68 4.48
N TYR A 730 -14.71 0.44 3.55
CA TYR A 730 -15.08 -0.93 3.22
C TYR A 730 -13.96 -1.59 2.44
N GLY A 731 -13.94 -2.91 2.51
CA GLY A 731 -12.99 -3.76 1.82
C GLY A 731 -13.06 -3.59 0.33
N CYS A 732 -11.89 -3.53 -0.28
CA CYS A 732 -11.70 -3.40 -1.70
C CYS A 732 -10.36 -3.99 -2.03
N LEU A 733 -10.35 -4.95 -2.94
CA LEU A 733 -9.12 -5.61 -3.32
C LEU A 733 -9.09 -5.82 -4.82
N SER A 734 -8.08 -5.24 -5.47
CA SER A 734 -7.74 -5.43 -6.86
C SER A 734 -7.07 -6.82 -6.91
N ILE A 735 -7.59 -7.73 -7.73
CA ILE A 735 -7.06 -9.09 -7.84
C ILE A 735 -6.37 -9.35 -9.20
N GLY A 736 -6.45 -8.37 -10.10
CA GLY A 736 -5.88 -8.45 -11.44
C GLY A 736 -6.05 -7.20 -12.26
N ASP A 737 -5.93 -7.36 -13.59
CA ASP A 737 -6.04 -6.26 -14.56
C ASP A 737 -7.52 -5.85 -14.71
N CYS A 738 -7.92 -4.78 -13.98
CA CYS A 738 -9.25 -4.16 -13.92
C CYS A 738 -10.39 -5.11 -13.47
N VAL A 739 -10.03 -6.11 -12.63
CA VAL A 739 -10.90 -7.08 -11.99
C VAL A 739 -10.60 -6.95 -10.49
N GLY A 740 -11.60 -7.16 -9.66
CA GLY A 740 -11.42 -7.03 -8.23
C GLY A 740 -12.66 -7.36 -7.42
N LEU A 741 -12.50 -7.31 -6.08
CA LEU A 741 -13.52 -7.60 -5.09
C LEU A 741 -13.89 -6.36 -4.24
N ILE A 742 -15.19 -6.15 -4.06
CA ILE A 742 -15.74 -5.06 -3.23
C ILE A 742 -16.62 -5.70 -2.07
N GLU A 743 -16.36 -5.28 -0.82
CA GLU A 743 -17.14 -5.71 0.34
C GLU A 743 -18.57 -5.12 0.24
N VAL A 744 -19.59 -5.85 0.71
CA VAL A 744 -20.97 -5.38 0.73
C VAL A 744 -21.33 -4.91 2.14
N VAL A 745 -21.60 -3.60 2.29
CA VAL A 745 -22.04 -2.97 3.54
C VAL A 745 -23.52 -3.39 3.74
N ARG A 746 -23.73 -4.37 4.66
CA ARG A 746 -25.03 -4.94 5.02
C ARG A 746 -25.94 -3.86 5.61
N ASN A 747 -27.26 -3.94 5.30
CA ASN A 747 -28.32 -3.03 5.76
C ASN A 747 -28.03 -1.54 5.47
N SER A 748 -27.75 -1.20 4.17
CA SER A 748 -27.44 0.16 3.74
C SER A 748 -28.13 0.51 2.43
N HIS A 749 -28.61 1.77 2.29
CA HIS A 749 -29.33 2.25 1.09
C HIS A 749 -28.83 3.59 0.54
N THR A 750 -28.77 3.73 -0.81
CA THR A 750 -28.36 5.00 -1.43
C THR A 750 -29.47 6.03 -1.20
N ILE A 751 -29.09 7.33 -1.19
CA ILE A 751 -30.04 8.44 -1.00
C ILE A 751 -31.26 8.32 -1.95
N MET A 752 -31.02 7.96 -3.22
CA MET A 752 -32.04 7.76 -4.24
C MET A 752 -33.05 6.65 -3.85
N GLN A 753 -32.56 5.57 -3.21
CA GLN A 753 -33.45 4.48 -2.79
C GLN A 753 -34.00 4.71 -1.36
N ILE A 754 -34.07 5.99 -0.96
CA ILE A 754 -34.65 6.51 0.29
C ILE A 754 -35.83 7.36 -0.21
N GLN A 755 -35.66 7.93 -1.42
CA GLN A 755 -36.66 8.69 -2.14
C GLN A 755 -37.49 7.66 -2.93
N CYS A 756 -38.43 7.02 -2.19
CA CYS A 756 -39.36 5.97 -2.61
C CYS A 756 -40.53 5.85 -1.63
N ASN A 767 -39.73 15.07 -1.50
CA ASN A 767 -39.55 16.38 -0.87
C ASN A 767 -38.17 16.56 -0.18
N SER A 768 -38.03 17.65 0.60
CA SER A 768 -36.80 18.04 1.33
C SER A 768 -36.58 17.33 2.67
N HIS A 769 -37.66 16.81 3.29
CA HIS A 769 -37.58 16.11 4.56
C HIS A 769 -37.54 14.59 4.36
N THR A 770 -37.69 14.10 3.10
CA THR A 770 -37.73 12.68 2.69
C THR A 770 -36.68 11.84 3.42
N LEU A 771 -35.43 12.31 3.48
CA LEU A 771 -34.33 11.60 4.16
C LEU A 771 -34.55 11.56 5.67
N HIS A 772 -34.65 12.76 6.32
CA HIS A 772 -34.86 12.86 7.76
C HIS A 772 -36.02 11.96 8.24
N GLN A 773 -37.14 11.94 7.46
CA GLN A 773 -38.35 11.13 7.66
C GLN A 773 -37.99 9.66 7.77
N TRP A 774 -37.21 9.15 6.80
CA TRP A 774 -36.77 7.76 6.77
C TRP A 774 -35.93 7.37 7.99
N LEU A 775 -34.90 8.18 8.34
CA LEU A 775 -34.02 7.95 9.50
C LEU A 775 -34.77 7.92 10.83
N LYS A 776 -35.66 8.92 11.04
CA LYS A 776 -36.53 9.07 12.22
C LYS A 776 -37.45 7.84 12.35
N ASP A 777 -37.88 7.27 11.20
CA ASP A 777 -38.75 6.09 11.09
C ASP A 777 -38.02 4.81 11.51
N LYS A 778 -36.78 4.59 11.02
CA LYS A 778 -35.97 3.40 11.34
C LYS A 778 -35.51 3.43 12.79
N ASN A 779 -35.26 4.63 13.31
CA ASN A 779 -34.78 4.84 14.67
C ASN A 779 -35.82 5.59 15.52
N LYS A 780 -36.92 4.89 15.83
CA LYS A 780 -38.02 5.41 16.63
C LYS A 780 -37.75 5.14 18.12
N GLY A 781 -38.00 6.15 18.95
CA GLY A 781 -37.82 6.08 20.39
C GLY A 781 -36.60 6.77 20.93
N GLU A 782 -36.03 6.23 22.02
CA GLU A 782 -34.82 6.75 22.70
C GLU A 782 -33.53 6.41 21.93
N ILE A 783 -33.67 5.62 20.85
CA ILE A 783 -32.57 5.25 19.96
C ILE A 783 -32.42 6.33 18.86
N TYR A 784 -33.31 7.35 18.86
CA TYR A 784 -33.32 8.47 17.91
C TYR A 784 -32.13 9.43 18.11
N ASP A 785 -31.87 9.84 19.38
CA ASP A 785 -30.79 10.77 19.73
C ASP A 785 -29.38 10.24 19.48
N ALA A 786 -29.20 8.91 19.41
CA ALA A 786 -27.91 8.26 19.11
C ALA A 786 -27.71 8.12 17.59
N ALA A 787 -28.82 7.93 16.85
CA ALA A 787 -28.85 7.79 15.41
C ALA A 787 -28.61 9.12 14.74
N ILE A 788 -29.03 10.23 15.38
CA ILE A 788 -28.82 11.57 14.85
C ILE A 788 -27.36 11.92 14.95
N ASP A 789 -26.77 11.70 16.14
CA ASP A 789 -25.35 11.95 16.39
C ASP A 789 -24.46 11.22 15.39
N LEU A 790 -24.78 9.94 15.07
CA LEU A 790 -24.03 9.12 14.13
C LEU A 790 -24.05 9.70 12.71
N PHE A 791 -25.18 10.25 12.28
CA PHE A 791 -25.33 10.85 10.96
C PHE A 791 -24.43 12.08 10.84
N THR A 792 -24.57 13.02 11.80
CA THR A 792 -23.85 14.30 11.91
C THR A 792 -22.31 14.10 12.01
N ARG A 793 -21.86 13.10 12.83
CA ARG A 793 -20.44 12.75 13.02
C ARG A 793 -19.81 12.11 11.78
N SER A 794 -20.50 11.10 11.17
CA SER A 794 -20.04 10.43 9.95
C SER A 794 -20.04 11.41 8.80
N CYS A 795 -21.06 12.27 8.76
CA CYS A 795 -21.27 13.29 7.74
C CYS A 795 -20.15 14.30 7.76
N ALA A 796 -19.75 14.74 8.97
CA ALA A 796 -18.67 15.69 9.20
C ALA A 796 -17.35 15.09 8.71
N GLY A 797 -17.11 13.81 9.02
CA GLY A 797 -15.91 13.09 8.62
C GLY A 797 -15.79 12.95 7.12
N TYR A 798 -16.84 12.43 6.47
CA TYR A 798 -16.90 12.23 5.01
C TYR A 798 -16.88 13.56 4.26
N CYS A 799 -17.38 14.65 4.88
CA CYS A 799 -17.38 16.02 4.35
C CYS A 799 -15.93 16.59 4.31
N VAL A 800 -15.14 16.33 5.36
CA VAL A 800 -13.76 16.78 5.49
C VAL A 800 -12.85 15.94 4.59
N ALA A 801 -12.98 14.59 4.66
CA ALA A 801 -12.21 13.63 3.87
C ALA A 801 -12.26 13.86 2.34
N THR A 802 -13.48 13.95 1.76
CA THR A 802 -13.68 14.16 0.32
C THR A 802 -13.15 15.51 -0.19
N PHE A 803 -13.24 16.58 0.62
CA PHE A 803 -12.75 17.91 0.26
C PHE A 803 -11.24 17.88 0.05
N ILE A 804 -10.48 17.45 1.11
CA ILE A 804 -9.01 17.33 1.18
C ILE A 804 -8.49 16.51 0.02
N LEU A 805 -9.12 15.37 -0.22
CA LEU A 805 -8.74 14.39 -1.24
C LEU A 805 -9.18 14.72 -2.65
N GLY A 806 -10.19 15.56 -2.78
CA GLY A 806 -10.71 15.96 -4.08
C GLY A 806 -11.27 14.78 -4.84
N ILE A 807 -12.11 13.99 -4.16
CA ILE A 807 -12.80 12.79 -4.65
C ILE A 807 -13.85 13.23 -5.72
N GLY A 808 -14.26 12.30 -6.59
CA GLY A 808 -15.25 12.55 -7.63
C GLY A 808 -16.54 13.06 -7.04
N ASP A 809 -17.21 14.00 -7.74
CA ASP A 809 -18.45 14.63 -7.30
C ASP A 809 -19.53 13.64 -6.84
N ARG A 810 -20.16 13.99 -5.70
CA ARG A 810 -21.18 13.20 -5.05
C ARG A 810 -22.58 13.48 -5.55
N HIS A 811 -23.39 12.41 -5.61
CA HIS A 811 -24.79 12.45 -6.01
C HIS A 811 -25.64 11.47 -5.18
N ASN A 812 -26.94 11.43 -5.47
CA ASN A 812 -27.96 10.60 -4.84
C ASN A 812 -27.68 9.09 -4.90
N SER A 813 -26.77 8.65 -5.80
CA SER A 813 -26.43 7.25 -5.98
C SER A 813 -25.10 6.82 -5.35
N ASN A 814 -24.14 7.75 -5.17
CA ASN A 814 -22.86 7.37 -4.58
C ASN A 814 -22.70 7.87 -3.11
N ILE A 815 -23.82 8.15 -2.44
CA ILE A 815 -23.90 8.47 -1.01
C ILE A 815 -24.87 7.42 -0.41
N MET A 816 -24.46 6.69 0.63
CA MET A 816 -25.27 5.65 1.25
C MET A 816 -25.48 5.88 2.74
N VAL A 817 -26.64 5.43 3.27
CA VAL A 817 -27.01 5.60 4.68
C VAL A 817 -27.44 4.23 5.28
N LYS A 818 -26.91 3.91 6.47
CA LYS A 818 -27.24 2.68 7.19
C LYS A 818 -28.44 2.88 8.10
N ASP A 819 -29.18 1.78 8.35
CA ASP A 819 -30.38 1.70 9.19
C ASP A 819 -30.12 1.93 10.70
N ASP A 820 -28.96 2.56 11.01
CA ASP A 820 -28.54 2.95 12.35
C ASP A 820 -28.25 4.46 12.40
N GLY A 821 -27.99 5.05 11.23
CA GLY A 821 -27.70 6.47 11.11
C GLY A 821 -26.42 6.83 10.37
N GLN A 822 -25.48 5.88 10.26
CA GLN A 822 -24.18 6.05 9.60
C GLN A 822 -24.23 6.31 8.10
N LEU A 823 -23.75 7.49 7.68
CA LEU A 823 -23.64 7.91 6.28
C LEU A 823 -22.23 7.59 5.80
N PHE A 824 -22.09 7.20 4.52
CA PHE A 824 -20.82 6.87 3.88
C PHE A 824 -20.90 7.04 2.35
N HIS A 825 -19.74 7.03 1.67
CA HIS A 825 -19.71 7.15 0.22
C HIS A 825 -19.18 5.88 -0.41
N ILE A 826 -19.55 5.64 -1.66
CA ILE A 826 -19.14 4.47 -2.43
C ILE A 826 -18.66 4.98 -3.78
N ASP A 827 -17.89 4.18 -4.54
CA ASP A 827 -17.35 4.51 -5.88
C ASP A 827 -16.67 5.87 -5.90
N PHE A 828 -15.35 5.90 -5.67
CA PHE A 828 -14.66 7.19 -5.57
C PHE A 828 -14.27 7.82 -6.93
N GLY A 829 -13.96 6.98 -7.93
CA GLY A 829 -13.62 7.43 -9.28
C GLY A 829 -12.19 7.93 -9.37
N HIS A 830 -12.01 9.24 -9.16
CA HIS A 830 -10.68 9.85 -9.15
C HIS A 830 -10.45 10.71 -7.92
N PHE A 831 -9.20 10.78 -7.53
CA PHE A 831 -8.76 11.61 -6.44
C PHE A 831 -8.00 12.80 -7.04
N LEU A 832 -7.68 13.76 -6.17
CA LEU A 832 -6.92 14.97 -6.46
C LEU A 832 -7.63 15.82 -7.53
N ASP A 833 -7.04 16.05 -8.72
CA ASP A 833 -7.70 16.86 -9.74
C ASP A 833 -8.17 16.04 -10.93
N HIS A 834 -9.43 15.61 -10.83
CA HIS A 834 -10.16 14.87 -11.87
C HIS A 834 -10.66 15.83 -12.98
N LYS A 835 -10.55 17.17 -12.74
CA LYS A 835 -10.96 18.23 -13.66
C LYS A 835 -9.86 18.57 -14.68
N LYS A 836 -8.69 19.10 -14.20
CA LYS A 836 -7.49 19.48 -14.99
C LYS A 836 -7.77 20.66 -15.95
N ARG A 843 -10.33 27.00 -7.55
CA ARG A 843 -9.89 25.86 -8.36
C ARG A 843 -9.63 24.56 -7.50
N GLU A 844 -10.33 24.47 -6.35
CA GLU A 844 -10.40 23.34 -5.42
C GLU A 844 -11.89 23.22 -5.11
N ARG A 845 -12.47 22.06 -5.37
CA ARG A 845 -13.90 21.87 -5.17
C ARG A 845 -14.30 21.26 -3.83
N VAL A 846 -15.61 21.39 -3.54
CA VAL A 846 -16.28 20.78 -2.41
C VAL A 846 -17.09 19.67 -3.11
N PRO A 847 -16.56 18.40 -3.16
CA PRO A 847 -17.27 17.33 -3.89
C PRO A 847 -18.51 16.86 -3.16
N PHE A 848 -18.55 17.06 -1.83
CA PHE A 848 -19.68 16.71 -0.99
C PHE A 848 -20.40 17.98 -0.50
N VAL A 849 -21.35 18.43 -1.31
CA VAL A 849 -22.20 19.59 -1.01
C VAL A 849 -23.43 19.04 -0.26
N LEU A 850 -23.79 19.69 0.85
CA LEU A 850 -24.89 19.28 1.71
C LEU A 850 -26.23 19.84 1.30
N THR A 851 -27.13 18.94 0.86
CA THR A 851 -28.51 19.29 0.47
C THR A 851 -29.28 19.56 1.75
N GLN A 852 -30.40 20.32 1.65
CA GLN A 852 -31.25 20.60 2.82
C GLN A 852 -31.59 19.32 3.62
N ASP A 853 -31.79 18.16 2.92
CA ASP A 853 -32.08 16.85 3.53
C ASP A 853 -31.13 16.52 4.68
N PHE A 854 -29.79 16.49 4.41
CA PHE A 854 -28.71 16.19 5.37
C PHE A 854 -28.71 17.18 6.53
N LEU A 855 -28.91 18.47 6.21
CA LEU A 855 -28.95 19.59 7.15
C LEU A 855 -30.19 19.55 8.06
N ILE A 856 -31.30 18.97 7.58
CA ILE A 856 -32.54 18.83 8.36
C ILE A 856 -32.37 17.72 9.41
N VAL A 857 -31.60 16.65 9.07
CA VAL A 857 -31.28 15.53 9.99
C VAL A 857 -30.39 16.08 11.11
N ILE A 858 -29.39 16.93 10.76
CA ILE A 858 -28.47 17.56 11.70
C ILE A 858 -29.25 18.44 12.70
N SER A 859 -30.05 19.39 12.20
CA SER A 859 -30.89 20.32 12.96
C SER A 859 -32.18 19.67 13.55
N LYS A 860 -32.34 18.34 13.37
CA LYS A 860 -33.44 17.49 13.86
C LYS A 860 -34.87 18.00 13.48
N GLY A 861 -35.02 18.49 12.25
CA GLY A 861 -36.30 18.96 11.73
C GLY A 861 -36.47 20.47 11.63
N ALA A 862 -35.60 21.22 12.34
CA ALA A 862 -35.61 22.69 12.41
C ALA A 862 -35.78 23.40 11.07
N GLN A 863 -36.52 24.53 11.09
CA GLN A 863 -36.80 25.36 9.92
C GLN A 863 -35.54 26.07 9.42
N GLU A 864 -35.00 27.03 10.22
CA GLU A 864 -33.75 27.71 9.85
C GLU A 864 -32.61 26.81 10.34
N CYS A 865 -32.25 25.80 9.52
CA CYS A 865 -31.20 24.80 9.83
C CYS A 865 -29.78 25.41 9.92
N THR A 866 -29.61 26.65 9.43
CA THR A 866 -28.36 27.42 9.47
C THR A 866 -28.05 27.86 10.92
N LYS A 867 -28.96 28.63 11.55
CA LYS A 867 -28.80 29.13 12.93
C LYS A 867 -29.38 28.17 13.99
N THR A 868 -28.72 26.99 14.16
CA THR A 868 -29.09 25.96 15.14
C THR A 868 -27.93 25.60 16.07
N ARG A 869 -28.27 25.05 17.26
CA ARG A 869 -27.29 24.60 18.26
C ARG A 869 -26.64 23.29 17.80
N GLU A 870 -27.34 22.56 16.90
CA GLU A 870 -26.97 21.26 16.31
C GLU A 870 -25.90 21.40 15.21
N PHE A 871 -26.03 22.44 14.36
CA PHE A 871 -25.10 22.77 13.27
C PHE A 871 -23.83 23.40 13.85
N GLU A 872 -23.94 24.05 15.02
CA GLU A 872 -22.86 24.68 15.79
C GLU A 872 -21.92 23.59 16.30
N ARG A 873 -22.50 22.45 16.75
CA ARG A 873 -21.76 21.29 17.26
C ARG A 873 -21.15 20.49 16.11
N PHE A 874 -21.74 20.62 14.88
CA PHE A 874 -21.31 19.96 13.64
C PHE A 874 -20.18 20.74 12.95
N GLN A 875 -20.22 22.09 13.04
CA GLN A 875 -19.20 22.97 12.45
C GLN A 875 -17.86 22.66 13.11
N GLU A 876 -17.81 22.64 14.46
CA GLU A 876 -16.61 22.35 15.27
C GLU A 876 -16.08 20.94 15.07
N MET A 877 -16.92 20.03 14.55
CA MET A 877 -16.54 18.65 14.21
C MET A 877 -15.68 18.70 12.96
N CYS A 878 -16.18 19.38 11.90
CA CYS A 878 -15.50 19.57 10.62
C CYS A 878 -14.19 20.35 10.79
N TYR A 879 -14.19 21.35 11.70
CA TYR A 879 -13.01 22.18 11.98
C TYR A 879 -11.94 21.40 12.68
N LYS A 880 -12.29 20.67 13.76
CA LYS A 880 -11.34 19.83 14.50
C LYS A 880 -10.83 18.66 13.63
N ALA A 881 -11.64 18.17 12.66
CA ALA A 881 -11.24 17.09 11.75
C ALA A 881 -10.22 17.57 10.72
N TYR A 882 -10.48 18.73 10.10
CA TYR A 882 -9.63 19.34 9.07
C TYR A 882 -8.22 19.65 9.58
N LEU A 883 -8.13 20.28 10.77
CA LEU A 883 -6.87 20.68 11.41
C LEU A 883 -6.03 19.48 11.80
N ALA A 884 -6.69 18.36 12.21
CA ALA A 884 -6.04 17.11 12.61
C ALA A 884 -5.32 16.50 11.42
N ILE A 885 -5.96 16.55 10.22
CA ILE A 885 -5.35 16.04 8.98
C ILE A 885 -4.21 16.94 8.57
N ARG A 886 -4.38 18.27 8.74
CA ARG A 886 -3.33 19.23 8.42
C ARG A 886 -2.03 18.86 9.13
N GLN A 887 -2.14 18.44 10.42
CA GLN A 887 -1.02 18.03 11.29
C GLN A 887 -0.27 16.80 10.75
N HIS A 888 -1.01 15.87 10.13
CA HIS A 888 -0.46 14.67 9.55
C HIS A 888 -0.33 14.75 8.03
N ALA A 889 -0.10 15.96 7.47
CA ALA A 889 0.00 16.17 6.02
C ALA A 889 1.14 15.40 5.35
N ASN A 890 2.33 15.40 5.98
CA ASN A 890 3.54 14.77 5.48
C ASN A 890 3.37 13.26 5.28
N LEU A 891 2.50 12.59 6.07
CA LEU A 891 2.22 11.14 5.87
C LEU A 891 1.45 10.90 4.54
N PHE A 892 0.35 11.67 4.32
CA PHE A 892 -0.49 11.58 3.12
C PHE A 892 0.27 11.94 1.88
N ILE A 893 1.12 12.96 1.96
CA ILE A 893 1.96 13.35 0.82
C ILE A 893 2.92 12.20 0.48
N ASN A 894 3.48 11.53 1.51
CA ASN A 894 4.40 10.42 1.34
C ASN A 894 3.72 9.18 0.78
N LEU A 895 2.52 8.80 1.32
CA LEU A 895 1.70 7.67 0.90
C LEU A 895 1.27 7.81 -0.55
N PHE A 896 1.14 9.04 -1.01
CA PHE A 896 0.81 9.29 -2.39
C PHE A 896 2.03 9.15 -3.29
N SER A 897 3.20 9.70 -2.87
CA SER A 897 4.46 9.64 -3.62
C SER A 897 4.98 8.23 -3.84
N MET A 898 4.71 7.31 -2.91
CA MET A 898 5.15 5.92 -3.01
C MET A 898 4.33 5.24 -4.10
N MET A 899 3.08 5.67 -4.25
CA MET A 899 2.13 5.16 -5.24
C MET A 899 2.36 5.76 -6.65
N LEU A 900 3.41 6.61 -6.84
CA LEU A 900 3.71 7.22 -8.15
C LEU A 900 4.13 6.21 -9.20
N GLY A 901 4.76 5.14 -8.75
CA GLY A 901 5.22 4.04 -9.60
C GLY A 901 4.10 3.31 -10.31
N SER A 902 2.92 3.19 -9.65
CA SER A 902 1.71 2.57 -10.18
C SER A 902 1.20 3.34 -11.40
N GLY A 903 0.71 2.59 -12.37
CA GLY A 903 0.18 3.16 -13.61
C GLY A 903 -1.03 4.08 -13.49
N MET A 904 -1.52 4.34 -12.23
CA MET A 904 -2.69 5.16 -11.88
C MET A 904 -2.63 6.49 -12.61
N PRO A 905 -3.51 6.71 -13.62
CA PRO A 905 -3.41 7.92 -14.45
C PRO A 905 -3.48 9.26 -13.70
N GLU A 906 -4.18 9.31 -12.55
CA GLU A 906 -4.32 10.53 -11.75
C GLU A 906 -3.15 10.75 -10.75
N LEU A 907 -2.16 9.83 -10.79
CA LEU A 907 -0.97 9.90 -9.94
C LEU A 907 0.24 9.51 -10.78
N GLN A 908 0.65 10.43 -11.69
CA GLN A 908 1.76 10.22 -12.62
C GLN A 908 2.95 11.20 -12.46
N SER A 909 2.75 12.30 -11.71
CA SER A 909 3.78 13.31 -11.46
C SER A 909 3.67 13.86 -10.04
N PHE A 910 4.73 14.52 -9.55
CA PHE A 910 4.67 15.16 -8.23
C PHE A 910 3.73 16.39 -8.26
N ASP A 911 3.34 16.84 -9.48
CA ASP A 911 2.39 17.93 -9.71
C ASP A 911 0.95 17.47 -9.43
N ASP A 912 0.73 16.13 -9.38
CA ASP A 912 -0.57 15.56 -9.07
C ASP A 912 -0.80 15.66 -7.55
N ILE A 913 0.18 15.14 -6.74
CA ILE A 913 0.20 15.12 -5.27
C ILE A 913 0.11 16.54 -4.72
N ALA A 914 0.62 17.50 -5.50
CA ALA A 914 0.61 18.93 -5.23
C ALA A 914 -0.78 19.43 -4.78
N TYR A 915 -1.87 18.84 -5.31
CA TYR A 915 -3.23 19.21 -4.96
C TYR A 915 -3.49 19.34 -3.46
N ILE A 916 -3.14 18.31 -2.65
CA ILE A 916 -3.39 18.29 -1.18
C ILE A 916 -2.52 19.32 -0.42
N ARG A 917 -1.48 19.86 -1.06
CA ARG A 917 -0.67 20.93 -0.49
C ARG A 917 -1.51 22.24 -0.56
N LYS A 918 -2.52 22.30 -1.48
CA LYS A 918 -3.45 23.41 -1.68
C LYS A 918 -4.65 23.25 -0.74
N THR A 919 -5.32 22.06 -0.77
CA THR A 919 -6.50 21.76 0.06
C THR A 919 -6.23 21.88 1.55
N LEU A 920 -5.02 21.46 1.99
CA LEU A 920 -4.61 21.52 3.39
C LEU A 920 -3.94 22.87 3.73
N ALA A 921 -3.87 23.81 2.74
CA ALA A 921 -3.30 25.16 2.84
C ALA A 921 -2.03 25.16 3.71
N LEU A 922 -1.04 24.38 3.26
CA LEU A 922 0.23 24.18 3.97
C LEU A 922 1.12 25.42 4.01
N ASP A 923 1.00 26.28 2.98
CA ASP A 923 1.74 27.53 2.86
C ASP A 923 1.17 28.53 3.90
N LYS A 924 -0.18 28.55 4.07
CA LYS A 924 -0.95 29.36 5.01
C LYS A 924 -0.67 28.97 6.47
N THR A 925 -1.14 29.79 7.44
CA THR A 925 -1.00 29.49 8.87
C THR A 925 -2.16 28.59 9.29
N GLU A 926 -2.17 28.11 10.56
CA GLU A 926 -3.27 27.28 11.07
C GLU A 926 -4.61 28.03 11.09
N GLN A 927 -4.60 29.35 11.35
CA GLN A 927 -5.83 30.14 11.32
C GLN A 927 -6.22 30.53 9.89
N GLU A 928 -5.22 30.76 9.01
CA GLU A 928 -5.44 31.08 7.58
C GLU A 928 -6.07 29.89 6.85
N ALA A 929 -5.68 28.66 7.23
CA ALA A 929 -6.17 27.38 6.67
C ALA A 929 -7.60 27.08 7.09
N LEU A 930 -7.99 27.46 8.33
CA LEU A 930 -9.33 27.31 8.87
C LEU A 930 -10.31 28.25 8.12
N GLU A 931 -9.88 29.50 7.86
CA GLU A 931 -10.65 30.52 7.12
C GLU A 931 -10.95 30.06 5.69
N TYR A 932 -9.94 29.42 5.04
CA TYR A 932 -9.97 28.88 3.68
C TYR A 932 -11.05 27.80 3.56
N PHE A 933 -11.01 26.80 4.47
CA PHE A 933 -11.95 25.67 4.54
C PHE A 933 -13.38 26.20 4.58
N MET A 934 -13.63 27.22 5.43
CA MET A 934 -14.92 27.90 5.59
C MET A 934 -15.35 28.55 4.28
N LYS A 935 -14.42 29.27 3.60
CA LYS A 935 -14.67 29.94 2.32
C LYS A 935 -15.04 28.94 1.22
N GLN A 936 -14.31 27.81 1.11
CA GLN A 936 -14.61 26.76 0.11
C GLN A 936 -16.01 26.19 0.33
N MET A 937 -16.35 25.92 1.61
CA MET A 937 -17.65 25.39 2.03
C MET A 937 -18.76 26.41 1.78
N ASN A 938 -18.49 27.71 2.06
CA ASN A 938 -19.41 28.84 1.86
C ASN A 938 -19.68 29.14 0.38
N ASP A 939 -18.64 29.11 -0.48
CA ASP A 939 -18.75 29.36 -1.93
C ASP A 939 -19.35 28.14 -2.71
N ALA A 940 -19.78 27.09 -1.96
CA ALA A 940 -20.35 25.84 -2.49
C ALA A 940 -21.72 25.48 -1.87
N HIS A 941 -21.95 25.83 -0.58
CA HIS A 941 -23.20 25.59 0.16
C HIS A 941 -24.05 26.84 0.22
N HIS A 942 -23.51 27.97 -0.29
CA HIS A 942 -24.11 29.31 -0.39
C HIS A 942 -24.40 29.94 0.99
N GLY A 943 -23.42 29.78 1.90
CA GLY A 943 -23.45 30.34 3.24
C GLY A 943 -23.65 29.36 4.38
N GLY A 944 -23.94 29.92 5.56
CA GLY A 944 -24.20 29.20 6.80
C GLY A 944 -23.10 29.28 7.84
N TRP A 945 -21.84 29.15 7.38
CA TRP A 945 -20.60 29.12 8.16
C TRP A 945 -20.07 30.54 8.45
C4 FE5 B . -21.93 -0.85 -3.76
C5 FE5 B . -22.10 -1.29 -2.42
C7 FE5 B . -16.65 0.73 -5.79
C8 FE5 B . -18.53 0.25 -4.91
N2 FE5 B . -23.10 -0.55 -4.31
C10 FE5 B . -20.71 -0.69 -4.60
C12 FE5 B . -21.33 -1.75 -1.32
N3 FE5 B . -24.05 -0.78 -3.36
C13 FE5 B . -18.46 -0.39 -6.13
C15 FE5 B . -19.67 0.11 -4.12
C1 FE5 B . -23.50 -1.23 -2.20
N6 FE5 B . -17.35 0.97 -4.71
O9 FE5 B . -17.25 -0.08 -6.70
N11 FE5 B . -24.14 -1.55 -1.08
N14 FE5 B . -21.97 -2.08 -0.17
C16 FE5 B . -23.31 -1.97 -0.13
C17 FE5 B . -25.46 -0.50 -3.75
C18 FE5 B . -20.61 -1.32 -5.84
C19 FE5 B . -19.48 -1.19 -6.63
N20 FE5 B . -15.43 1.19 -6.10
N21 FE5 B . -20.00 -1.87 -1.36
C22 FE5 B . -26.03 -1.71 -4.49
C23 FE5 B . -25.53 0.75 -4.61
#